data_411D
# 
_entry.id   411D 
# 
_audit_conform.dict_name       mmcif_pdbx.dic 
_audit_conform.dict_version    5.387 
_audit_conform.dict_location   http://mmcif.pdb.org/dictionaries/ascii/mmcif_pdbx.dic 
# 
loop_
_database_2.database_id 
_database_2.database_code 
_database_2.pdbx_database_accession 
_database_2.pdbx_DOI 
PDB   411D         pdb_0000411d 10.2210/pdb411d/pdb 
RCSB  AH0003       ?            ?                   
WWPDB D_1000179211 ?            ?                   
# 
loop_
_pdbx_audit_revision_history.ordinal 
_pdbx_audit_revision_history.data_content_type 
_pdbx_audit_revision_history.major_revision 
_pdbx_audit_revision_history.minor_revision 
_pdbx_audit_revision_history.revision_date 
1 'Structure model' 1 0 1998-07-17 
2 'Structure model' 1 1 2008-05-22 
3 'Structure model' 1 2 2011-07-13 
4 'Structure model' 1 3 2013-01-16 
5 'Structure model' 1 4 2024-02-28 
# 
_pdbx_audit_revision_details.ordinal             1 
_pdbx_audit_revision_details.revision_ordinal    1 
_pdbx_audit_revision_details.data_content_type   'Structure model' 
_pdbx_audit_revision_details.provider            repository 
_pdbx_audit_revision_details.type                'Initial release' 
_pdbx_audit_revision_details.description         ? 
_pdbx_audit_revision_details.details             ? 
# 
loop_
_pdbx_audit_revision_group.ordinal 
_pdbx_audit_revision_group.revision_ordinal 
_pdbx_audit_revision_group.data_content_type 
_pdbx_audit_revision_group.group 
1 2 'Structure model' 'Version format compliance' 
2 3 'Structure model' 'Version format compliance' 
3 4 'Structure model' 'Atomic model'              
4 5 'Structure model' 'Data collection'           
5 5 'Structure model' 'Database references'       
6 5 'Structure model' 'Derived calculations'      
# 
loop_
_pdbx_audit_revision_category.ordinal 
_pdbx_audit_revision_category.revision_ordinal 
_pdbx_audit_revision_category.data_content_type 
_pdbx_audit_revision_category.category 
1 5 'Structure model' chem_comp_atom 
2 5 'Structure model' chem_comp_bond 
3 5 'Structure model' database_2     
4 5 'Structure model' struct_conn    
# 
loop_
_pdbx_audit_revision_item.ordinal 
_pdbx_audit_revision_item.revision_ordinal 
_pdbx_audit_revision_item.data_content_type 
_pdbx_audit_revision_item.item 
1 5 'Structure model' '_database_2.pdbx_DOI'                
2 5 'Structure model' '_database_2.pdbx_database_accession' 
3 5 'Structure model' '_struct_conn.pdbx_leaving_atom_flag' 
# 
_pdbx_database_status.status_code                     REL 
_pdbx_database_status.entry_id                        411D 
_pdbx_database_status.recvd_initial_deposition_date   1998-06-30 
_pdbx_database_status.deposit_site                    NDB 
_pdbx_database_status.process_site                    NDB 
_pdbx_database_status.SG_entry                        . 
_pdbx_database_status.status_code_sf                  ? 
_pdbx_database_status.status_code_mr                  ? 
_pdbx_database_status.status_code_cs                  ? 
_pdbx_database_status.pdb_format_compatible           Y 
_pdbx_database_status.status_code_nmr_data            ? 
_pdbx_database_status.methods_development_category    ? 
# 
loop_
_audit_author.name 
_audit_author.pdbx_ordinal 
'Tereshko, V.'  1 
'Portmann, S.'  2 
'Tay, E.C.'     3 
'Martin, P.'    4 
'Natt, F.'      5 
'Altmann, K.H.' 6 
'Egli, M.'      7 
# 
_citation.id                        primary 
_citation.title                     
;Correlating structure and stability of DNA duplexes with incorporated 2'-O-modified RNA analogues.
;
_citation.journal_abbrev            Biochemistry 
_citation.journal_volume            37 
_citation.page_first                10626 
_citation.page_last                 10634 
_citation.year                      1998 
_citation.journal_id_ASTM           BICHAW 
_citation.country                   US 
_citation.journal_id_ISSN           0006-2960 
_citation.journal_id_CSD            0033 
_citation.book_publisher            ? 
_citation.pdbx_database_id_PubMed   9692952 
_citation.pdbx_database_id_DOI      10.1021/bi980392a 
# 
loop_
_citation_author.citation_id 
_citation_author.name 
_citation_author.ordinal 
_citation_author.identifier_ORCID 
primary 'Tereshko, V.'  1 ? 
primary 'Portmann, S.'  2 ? 
primary 'Tay, E.C.'     3 ? 
primary 'Martin, P.'    4 ? 
primary 'Natt, F.'      5 ? 
primary 'Altmann, K.H.' 6 ? 
primary 'Egli, M.'      7 ? 
# 
loop_
_entity.id 
_entity.type 
_entity.src_method 
_entity.pdbx_description 
_entity.formula_weight 
_entity.pdbx_number_of_molecules 
_entity.pdbx_ec 
_entity.pdbx_mutation 
_entity.pdbx_fragment 
_entity.details 
1 polymer man 
;DNA (5'-D(*GP*CP*GP*TP*AP*(T39)P*AP*CP*GP*C)-3')
;
3119.084 2  ? ? ? ? 
2 water   nat water                                              18.015   58 ? ? ? ? 
# 
_entity_poly.entity_id                      1 
_entity_poly.type                           polydeoxyribonucleotide 
_entity_poly.nstd_linkage                   no 
_entity_poly.nstd_monomer                   yes 
_entity_poly.pdbx_seq_one_letter_code       '(DG)(DC)(DG)(DT)(DA)(T39)(DA)(DC)(DG)(DC)' 
_entity_poly.pdbx_seq_one_letter_code_can   GCGTATACGC 
_entity_poly.pdbx_strand_id                 A,B 
_entity_poly.pdbx_target_identifier         ? 
# 
_pdbx_entity_nonpoly.entity_id   2 
_pdbx_entity_nonpoly.name        water 
_pdbx_entity_nonpoly.comp_id     HOH 
# 
loop_
_entity_poly_seq.entity_id 
_entity_poly_seq.num 
_entity_poly_seq.mon_id 
_entity_poly_seq.hetero 
1 1  DG  n 
1 2  DC  n 
1 3  DG  n 
1 4  DT  n 
1 5  DA  n 
1 6  T39 n 
1 7  DA  n 
1 8  DC  n 
1 9  DG  n 
1 10 DC  n 
# 
loop_
_chem_comp.id 
_chem_comp.type 
_chem_comp.mon_nstd_flag 
_chem_comp.name 
_chem_comp.pdbx_synonyms 
_chem_comp.formula 
_chem_comp.formula_weight 
DA  'DNA linking' y "2'-DEOXYADENOSINE-5'-MONOPHOSPHATE"              ? 'C10 H14 N5 O6 P'  331.222 
DC  'DNA linking' y "2'-DEOXYCYTIDINE-5'-MONOPHOSPHATE"               ? 'C9 H14 N3 O7 P'   307.197 
DG  'DNA linking' y "2'-DEOXYGUANOSINE-5'-MONOPHOSPHATE"              ? 'C10 H14 N5 O7 P'  347.221 
DT  'DNA linking' y "THYMIDINE-5'-MONOPHOSPHATE"                      ? 'C10 H15 N2 O8 P'  322.208 
HOH non-polymer   . WATER                                             ? 'H2 O'             18.015  
T39 'RNA linking' n 
;2'-O-METHOXYETHYLENE THYMIDINE 5'-MONOPHOSPHATE
;
? 'C13 H21 N2 O10 P' 396.287 
# 
loop_
_pdbx_poly_seq_scheme.asym_id 
_pdbx_poly_seq_scheme.entity_id 
_pdbx_poly_seq_scheme.seq_id 
_pdbx_poly_seq_scheme.mon_id 
_pdbx_poly_seq_scheme.ndb_seq_num 
_pdbx_poly_seq_scheme.pdb_seq_num 
_pdbx_poly_seq_scheme.auth_seq_num 
_pdbx_poly_seq_scheme.pdb_mon_id 
_pdbx_poly_seq_scheme.auth_mon_id 
_pdbx_poly_seq_scheme.pdb_strand_id 
_pdbx_poly_seq_scheme.pdb_ins_code 
_pdbx_poly_seq_scheme.hetero 
A 1 1  DG  1  1  1  DG  G  A . n 
A 1 2  DC  2  2  2  DC  C  A . n 
A 1 3  DG  3  3  3  DG  G  A . n 
A 1 4  DT  4  4  4  DT  T  A . n 
A 1 5  DA  5  5  5  DA  A  A . n 
A 1 6  T39 6  6  6  T39 +T A . n 
A 1 7  DA  7  7  7  DA  A  A . n 
A 1 8  DC  8  8  8  DC  C  A . n 
A 1 9  DG  9  9  9  DG  G  A . n 
A 1 10 DC  10 10 10 DC  C  A . n 
B 1 1  DG  1  11 11 DG  G  B . n 
B 1 2  DC  2  12 12 DC  C  B . n 
B 1 3  DG  3  13 13 DG  G  B . n 
B 1 4  DT  4  14 14 DT  T  B . n 
B 1 5  DA  5  15 15 DA  A  B . n 
B 1 6  T39 6  16 16 T39 +T B . n 
B 1 7  DA  7  17 17 DA  A  B . n 
B 1 8  DC  8  18 18 DC  C  B . n 
B 1 9  DG  9  19 19 DG  G  B . n 
B 1 10 DC  10 20 20 DC  C  B . n 
# 
loop_
_pdbx_nonpoly_scheme.asym_id 
_pdbx_nonpoly_scheme.entity_id 
_pdbx_nonpoly_scheme.mon_id 
_pdbx_nonpoly_scheme.ndb_seq_num 
_pdbx_nonpoly_scheme.pdb_seq_num 
_pdbx_nonpoly_scheme.auth_seq_num 
_pdbx_nonpoly_scheme.pdb_mon_id 
_pdbx_nonpoly_scheme.auth_mon_id 
_pdbx_nonpoly_scheme.pdb_strand_id 
_pdbx_nonpoly_scheme.pdb_ins_code 
C 2 HOH 1  101 101 HOH HOH A . 
C 2 HOH 2  105 105 HOH HOH A . 
C 2 HOH 3  106 106 HOH HOH A . 
C 2 HOH 4  107 107 HOH HOH A . 
C 2 HOH 5  108 108 HOH HOH A . 
C 2 HOH 6  109 109 HOH HOH A . 
C 2 HOH 7  110 110 HOH HOH A . 
C 2 HOH 8  111 111 HOH HOH A . 
C 2 HOH 9  112 112 HOH HOH A . 
C 2 HOH 10 113 113 HOH HOH A . 
C 2 HOH 11 115 115 HOH HOH A . 
C 2 HOH 12 118 118 HOH HOH A . 
C 2 HOH 13 119 119 HOH HOH A . 
C 2 HOH 14 121 121 HOH HOH A . 
C 2 HOH 15 122 122 HOH HOH A . 
C 2 HOH 16 124 124 HOH HOH A . 
C 2 HOH 17 127 127 HOH HOH A . 
C 2 HOH 18 128 128 HOH HOH A . 
C 2 HOH 19 130 130 HOH HOH A . 
C 2 HOH 20 134 134 HOH HOH A . 
C 2 HOH 21 135 135 HOH HOH A . 
C 2 HOH 22 136 136 HOH HOH A . 
C 2 HOH 23 138 138 HOH HOH A . 
C 2 HOH 24 139 139 HOH HOH A . 
C 2 HOH 25 140 140 HOH HOH A . 
C 2 HOH 26 141 141 HOH HOH A . 
C 2 HOH 27 142 142 HOH HOH A . 
C 2 HOH 28 144 144 HOH HOH A . 
C 2 HOH 29 145 145 HOH HOH A . 
C 2 HOH 30 147 147 HOH HOH A . 
C 2 HOH 31 149 149 HOH HOH A . 
C 2 HOH 32 150 150 HOH HOH A . 
C 2 HOH 33 151 151 HOH HOH A . 
C 2 HOH 34 152 152 HOH HOH A . 
C 2 HOH 35 154 154 HOH HOH A . 
C 2 HOH 36 155 155 HOH HOH A . 
C 2 HOH 37 156 156 HOH HOH A . 
D 2 HOH 1  102 102 HOH HOH B . 
D 2 HOH 2  103 103 HOH HOH B . 
D 2 HOH 3  104 104 HOH HOH B . 
D 2 HOH 4  114 114 HOH HOH B . 
D 2 HOH 5  116 116 HOH HOH B . 
D 2 HOH 6  117 117 HOH HOH B . 
D 2 HOH 7  120 120 HOH HOH B . 
D 2 HOH 8  123 123 HOH HOH B . 
D 2 HOH 9  125 125 HOH HOH B . 
D 2 HOH 10 126 126 HOH HOH B . 
D 2 HOH 11 129 129 HOH HOH B . 
D 2 HOH 12 131 131 HOH HOH B . 
D 2 HOH 13 132 132 HOH HOH B . 
D 2 HOH 14 133 133 HOH HOH B . 
D 2 HOH 15 137 137 HOH HOH B . 
D 2 HOH 16 143 143 HOH HOH B . 
D 2 HOH 17 146 146 HOH HOH B . 
D 2 HOH 18 148 148 HOH HOH B . 
D 2 HOH 19 153 153 HOH HOH B . 
D 2 HOH 20 157 157 HOH HOH B . 
D 2 HOH 21 158 158 HOH HOH B . 
# 
loop_
_software.name 
_software.classification 
_software.version 
_software.citation_id 
_software.pdbx_ordinal 
X-PLOR    refinement       3.851 ? 1 
DENZO     'data reduction' .     ? 2 
SCALEPACK 'data scaling'   .     ? 3 
# 
_cell.entry_id           411D 
_cell.length_a           24.930 
_cell.length_b           44.590 
_cell.length_c           45.380 
_cell.angle_alpha        90.00 
_cell.angle_beta         90.00 
_cell.angle_gamma        90.00 
_cell.Z_PDB              8 
_cell.pdbx_unique_axis   ? 
# 
_symmetry.entry_id                         411D 
_symmetry.space_group_name_H-M             'P 21 21 21' 
_symmetry.pdbx_full_space_group_name_H-M   ? 
_symmetry.cell_setting                     orthorhombic 
_symmetry.Int_Tables_number                19 
# 
_exptl.entry_id          411D 
_exptl.method            'X-RAY DIFFRACTION' 
_exptl.crystals_number   1 
# 
_exptl_crystal.id                    1 
_exptl_crystal.density_meas          ? 
_exptl_crystal.density_Matthews      2.02 
_exptl_crystal.density_percent_sol   39.16 
_exptl_crystal.description           ? 
# 
_exptl_crystal_grow.crystal_id      1 
_exptl_crystal_grow.method          'VAPOR DIFFUSION, HANGING DROP' 
_exptl_crystal_grow.temp            ? 
_exptl_crystal_grow.temp_details    ? 
_exptl_crystal_grow.pH              6.00 
_exptl_crystal_grow.pdbx_details    'pH 6.00, VAPOR DIFFUSION, HANGING DROP' 
_exptl_crystal_grow.pdbx_pH_range   ? 
# 
loop_
_exptl_crystal_grow_comp.crystal_id 
_exptl_crystal_grow_comp.id 
_exptl_crystal_grow_comp.sol_id 
_exptl_crystal_grow_comp.name 
_exptl_crystal_grow_comp.volume 
_exptl_crystal_grow_comp.conc 
_exptl_crystal_grow_comp.details 
1 1 1 'SODIUM CACODYLATE' ? ? ? 
1 2 1 'MAGNESIUM ACETATE' ? ? ? 
1 3 1 '(NH4)2SO4'         ? ? ? 
1 4 2 'SODIUM CACODYLATE' ? ? ? 
1 5 2 'MAGNESIUM ACETATE' ? ? ? 
1 6 2 '(NH4)2SO4'         ? ? ? 
# 
loop_
_diffrn.id 
_diffrn.ambient_temp 
_diffrn.ambient_temp_details 
_diffrn.crystal_id 
1 297.00 ? 1 
2 ?      ? 1 
3 ?      ? 1 
4 ?      ? 1 
# 
loop_
_diffrn_detector.diffrn_id 
_diffrn_detector.detector 
_diffrn_detector.type 
_diffrn_detector.pdbx_collection_date 
_diffrn_detector.details 
1 'IMAGE PLATE' 'RIGAKU RAXIS II' 1996-01-03 ? 
2 ?             ?                 ?          ? 
3 ?             ?                 ?          ? 
4 ?             ?                 ?          ? 
# 
loop_
_diffrn_radiation.diffrn_id 
_diffrn_radiation.wavelength_id 
_diffrn_radiation.pdbx_monochromatic_or_laue_m_l 
_diffrn_radiation.monochromator 
_diffrn_radiation.pdbx_diffrn_protocol 
_diffrn_radiation.pdbx_scattering_type 
1 1 M ? ? x-ray 
2 2 M ? ? x-ray 
3 3 M ? ? x-ray 
4 4 M ? ? x-ray 
# 
loop_
_diffrn_radiation_wavelength.id 
_diffrn_radiation_wavelength.wavelength 
_diffrn_radiation_wavelength.wt 
1 . 1.0 
2 . 1.0 
3 . 1.0 
4 . 1.0 
# 
loop_
_diffrn_source.diffrn_id 
_diffrn_source.source 
_diffrn_source.type 
_diffrn_source.pdbx_synchrotron_site 
_diffrn_source.pdbx_synchrotron_beamline 
_diffrn_source.pdbx_wavelength 
_diffrn_source.pdbx_wavelength_list 
1 'ROTATING ANODE' 'RIGAKU RU200' ? ? ? ? 
2 ?                ?              ? ? ? ? 
3 ?                ?              ? ? ? ? 
4 ?                ?              ? ? ? ? 
# 
_reflns.entry_id                     411D 
_reflns.observed_criterion_sigma_I   0.000 
_reflns.observed_criterion_sigma_F   0.000 
_reflns.d_resolution_low             22.700 
_reflns.d_resolution_high            1.800 
_reflns.number_obs                   4894 
_reflns.number_all                   4894 
_reflns.percent_possible_obs         92.700 
_reflns.pdbx_Rmerge_I_obs            0.07 
_reflns.pdbx_Rsym_value              ? 
_reflns.pdbx_netI_over_sigmaI        ? 
_reflns.B_iso_Wilson_estimate        ? 
_reflns.pdbx_redundancy              5.000 
_reflns.pdbx_ordinal                 1 
_reflns.pdbx_diffrn_id               1,2,3,4 
# 
_refine.entry_id                                 411D 
_refine.ls_number_reflns_obs                     3757 
_refine.ls_number_reflns_all                     3932 
_refine.pdbx_ls_sigma_I                          ? 
_refine.pdbx_ls_sigma_F                          2.000 
_refine.pdbx_data_cutoff_high_absF               ? 
_refine.pdbx_data_cutoff_low_absF                ? 
_refine.pdbx_data_cutoff_high_rms_absF           ? 
_refine.ls_d_res_low                             8.000 
_refine.ls_d_res_high                            1.930 
_refine.ls_percent_reflns_obs                    93.100 
_refine.ls_R_factor_obs                          0.168 
_refine.ls_R_factor_all                          0.171 
_refine.ls_R_factor_R_work                       0.168 
_refine.ls_R_factor_R_free                       0.21 
_refine.ls_R_factor_R_free_error                 ? 
_refine.ls_R_factor_R_free_error_details         ? 
_refine.ls_percent_reflns_R_free                 7.700 
_refine.ls_number_reflns_R_free                  289 
_refine.ls_number_parameters                     ? 
_refine.ls_number_restraints                     ? 
_refine.occupancy_min                            ? 
_refine.occupancy_max                            ? 
_refine.B_iso_mean                               ? 
_refine.aniso_B[1][1]                            ? 
_refine.aniso_B[2][2]                            ? 
_refine.aniso_B[3][3]                            ? 
_refine.aniso_B[1][2]                            ? 
_refine.aniso_B[1][3]                            ? 
_refine.aniso_B[2][3]                            ? 
_refine.solvent_model_details                    ? 
_refine.solvent_model_param_ksol                 ? 
_refine.solvent_model_param_bsol                 ? 
_refine.pdbx_ls_cross_valid_method               R-FREE 
_refine.details                                  ? 
_refine.pdbx_starting_model                      ? 
_refine.pdbx_method_to_determine_struct          ? 
_refine.pdbx_isotropic_thermal_model             ? 
_refine.pdbx_stereochemistry_target_values       ? 
_refine.pdbx_stereochem_target_val_spec_case     ? 
_refine.pdbx_R_Free_selection_details            RANDOM 
_refine.pdbx_overall_ESU_R                       ? 
_refine.pdbx_overall_ESU_R_Free                  ? 
_refine.overall_SU_ML                            ? 
_refine.overall_SU_B                             ? 
_refine.pdbx_refine_id                           'X-RAY DIFFRACTION' 
_refine.pdbx_diffrn_id                           1,2,3,4 
_refine.pdbx_TLS_residual_ADP_flag               ? 
_refine.correlation_coeff_Fo_to_Fc               ? 
_refine.correlation_coeff_Fo_to_Fc_free          ? 
_refine.pdbx_solvent_vdw_probe_radii             ? 
_refine.pdbx_solvent_ion_probe_radii             ? 
_refine.pdbx_solvent_shrinkage_radii             ? 
_refine.pdbx_overall_phase_error                 ? 
_refine.overall_SU_R_Cruickshank_DPI             ? 
_refine.pdbx_overall_SU_R_free_Cruickshank_DPI   ? 
_refine.pdbx_overall_SU_R_Blow_DPI               ? 
_refine.pdbx_overall_SU_R_free_Blow_DPI          ? 
# 
_refine_hist.pdbx_refine_id                   'X-RAY DIFFRACTION' 
_refine_hist.cycle_id                         LAST 
_refine_hist.pdbx_number_atoms_protein        0 
_refine_hist.pdbx_number_atoms_nucleic_acid   414 
_refine_hist.pdbx_number_atoms_ligand         0 
_refine_hist.number_atoms_solvent             58 
_refine_hist.number_atoms_total               472 
_refine_hist.d_res_high                       1.930 
_refine_hist.d_res_low                        8.000 
# 
loop_
_refine_ls_restr.type 
_refine_ls_restr.dev_ideal 
_refine_ls_restr.dev_ideal_target 
_refine_ls_restr.weight 
_refine_ls_restr.number 
_refine_ls_restr.pdbx_refine_id 
_refine_ls_restr.pdbx_restraint_function 
x_bond_d                0.009 ? ? ? 'X-RAY DIFFRACTION' ? 
x_bond_d_na             ?     ? ? ? 'X-RAY DIFFRACTION' ? 
x_bond_d_prot           ?     ? ? ? 'X-RAY DIFFRACTION' ? 
x_angle_d               ?     ? ? ? 'X-RAY DIFFRACTION' ? 
x_angle_d_na            ?     ? ? ? 'X-RAY DIFFRACTION' ? 
x_angle_d_prot          ?     ? ? ? 'X-RAY DIFFRACTION' ? 
x_angle_deg             1.30  ? ? ? 'X-RAY DIFFRACTION' ? 
x_angle_deg_na          ?     ? ? ? 'X-RAY DIFFRACTION' ? 
x_angle_deg_prot        ?     ? ? ? 'X-RAY DIFFRACTION' ? 
x_dihedral_angle_d      ?     ? ? ? 'X-RAY DIFFRACTION' ? 
x_dihedral_angle_d_na   ?     ? ? ? 'X-RAY DIFFRACTION' ? 
x_dihedral_angle_d_prot ?     ? ? ? 'X-RAY DIFFRACTION' ? 
x_improper_angle_d      ?     ? ? ? 'X-RAY DIFFRACTION' ? 
x_improper_angle_d_na   ?     ? ? ? 'X-RAY DIFFRACTION' ? 
x_improper_angle_d_prot ?     ? ? ? 'X-RAY DIFFRACTION' ? 
x_mcbond_it             ?     ? ? ? 'X-RAY DIFFRACTION' ? 
x_mcangle_it            ?     ? ? ? 'X-RAY DIFFRACTION' ? 
x_scbond_it             ?     ? ? ? 'X-RAY DIFFRACTION' ? 
x_scangle_it            ?     ? ? ? 'X-RAY DIFFRACTION' ? 
# 
_struct.entry_id                  411D 
_struct.title                     
;DUPLEX [5'-D(GCGTA+TACGC)]2 WITH INCORPORATED 2'-O-METHOXYETHYL RIBONUCLEOSIDE
;
_struct.pdbx_model_details        ? 
_struct.pdbx_CASP_flag            ? 
_struct.pdbx_model_type_details   ? 
# 
_struct_keywords.entry_id        411D 
_struct_keywords.pdbx_keywords   DNA 
_struct_keywords.text            
;DUPLEX [5'-D(GCGTA+TACGC)]2 WITH INCORPORATED 2'-O-METHOXYETHYL RIBONUCLEOSIDE, DNA
;
# 
loop_
_struct_asym.id 
_struct_asym.pdbx_blank_PDB_chainid_flag 
_struct_asym.pdbx_modified 
_struct_asym.entity_id 
_struct_asym.details 
A N N 1 ? 
B N N 1 ? 
C N N 2 ? 
D N N 2 ? 
# 
_struct_ref.id                         1 
_struct_ref.entity_id                  1 
_struct_ref.db_name                    PDB 
_struct_ref.db_code                    411D 
_struct_ref.pdbx_db_accession          411D 
_struct_ref.pdbx_db_isoform            ? 
_struct_ref.pdbx_seq_one_letter_code   ? 
_struct_ref.pdbx_align_begin           ? 
# 
loop_
_struct_ref_seq.align_id 
_struct_ref_seq.ref_id 
_struct_ref_seq.pdbx_PDB_id_code 
_struct_ref_seq.pdbx_strand_id 
_struct_ref_seq.seq_align_beg 
_struct_ref_seq.pdbx_seq_align_beg_ins_code 
_struct_ref_seq.seq_align_end 
_struct_ref_seq.pdbx_seq_align_end_ins_code 
_struct_ref_seq.pdbx_db_accession 
_struct_ref_seq.db_align_beg 
_struct_ref_seq.pdbx_db_align_beg_ins_code 
_struct_ref_seq.db_align_end 
_struct_ref_seq.pdbx_db_align_end_ins_code 
_struct_ref_seq.pdbx_auth_seq_align_beg 
_struct_ref_seq.pdbx_auth_seq_align_end 
1 1 411D A 1 ? 10 ? 411D 1  ? 10 ? 1  10 
2 1 411D B 1 ? 10 ? 411D 11 ? 20 ? 11 20 
# 
_pdbx_struct_assembly.id                   1 
_pdbx_struct_assembly.details              author_defined_assembly 
_pdbx_struct_assembly.method_details       ? 
_pdbx_struct_assembly.oligomeric_details   dimeric 
_pdbx_struct_assembly.oligomeric_count     2 
# 
_pdbx_struct_assembly_gen.assembly_id       1 
_pdbx_struct_assembly_gen.oper_expression   1 
_pdbx_struct_assembly_gen.asym_id_list      A,B,C,D 
# 
_pdbx_struct_oper_list.id                   1 
_pdbx_struct_oper_list.type                 'identity operation' 
_pdbx_struct_oper_list.name                 1_555 
_pdbx_struct_oper_list.symmetry_operation   x,y,z 
_pdbx_struct_oper_list.matrix[1][1]         1.0000000000 
_pdbx_struct_oper_list.matrix[1][2]         0.0000000000 
_pdbx_struct_oper_list.matrix[1][3]         0.0000000000 
_pdbx_struct_oper_list.vector[1]            0.0000000000 
_pdbx_struct_oper_list.matrix[2][1]         0.0000000000 
_pdbx_struct_oper_list.matrix[2][2]         1.0000000000 
_pdbx_struct_oper_list.matrix[2][3]         0.0000000000 
_pdbx_struct_oper_list.vector[2]            0.0000000000 
_pdbx_struct_oper_list.matrix[3][1]         0.0000000000 
_pdbx_struct_oper_list.matrix[3][2]         0.0000000000 
_pdbx_struct_oper_list.matrix[3][3]         1.0000000000 
_pdbx_struct_oper_list.vector[3]            0.0000000000 
# 
_struct_biol.id   1 
# 
loop_
_struct_conn.id 
_struct_conn.conn_type_id 
_struct_conn.pdbx_leaving_atom_flag 
_struct_conn.pdbx_PDB_id 
_struct_conn.ptnr1_label_asym_id 
_struct_conn.ptnr1_label_comp_id 
_struct_conn.ptnr1_label_seq_id 
_struct_conn.ptnr1_label_atom_id 
_struct_conn.pdbx_ptnr1_label_alt_id 
_struct_conn.pdbx_ptnr1_PDB_ins_code 
_struct_conn.pdbx_ptnr1_standard_comp_id 
_struct_conn.ptnr1_symmetry 
_struct_conn.ptnr2_label_asym_id 
_struct_conn.ptnr2_label_comp_id 
_struct_conn.ptnr2_label_seq_id 
_struct_conn.ptnr2_label_atom_id 
_struct_conn.pdbx_ptnr2_label_alt_id 
_struct_conn.pdbx_ptnr2_PDB_ins_code 
_struct_conn.ptnr1_auth_asym_id 
_struct_conn.ptnr1_auth_comp_id 
_struct_conn.ptnr1_auth_seq_id 
_struct_conn.ptnr2_auth_asym_id 
_struct_conn.ptnr2_auth_comp_id 
_struct_conn.ptnr2_auth_seq_id 
_struct_conn.ptnr2_symmetry 
_struct_conn.pdbx_ptnr3_label_atom_id 
_struct_conn.pdbx_ptnr3_label_seq_id 
_struct_conn.pdbx_ptnr3_label_comp_id 
_struct_conn.pdbx_ptnr3_label_asym_id 
_struct_conn.pdbx_ptnr3_label_alt_id 
_struct_conn.pdbx_ptnr3_PDB_ins_code 
_struct_conn.details 
_struct_conn.pdbx_dist_value 
_struct_conn.pdbx_value_order 
_struct_conn.pdbx_role 
covale1  covale both ? A DA  5  "O3'" ? ? ? 1_555 A T39 6  P  ? ? A DA  5  A T39 6  1_555 ? ? ? ? ? ? ?            1.597 ? ? 
covale2  covale both ? A T39 6  "O3'" ? ? ? 1_555 A DA  7  P  ? ? A T39 6  A DA  7  1_555 ? ? ? ? ? ? ?            1.611 ? ? 
covale3  covale both ? B DA  5  "O3'" ? ? ? 1_555 B T39 6  P  ? ? B DA  15 B T39 16 1_555 ? ? ? ? ? ? ?            1.596 ? ? 
covale4  covale both ? B T39 6  "O3'" ? ? ? 1_555 B DA  7  P  ? ? B T39 16 B DA  17 1_555 ? ? ? ? ? ? ?            1.606 ? ? 
hydrog1  hydrog ?    ? A DG  1  N1    ? ? ? 1_555 B DC  10 N3 ? ? A DG  1  B DC  20 1_555 ? ? ? ? ? ? WATSON-CRICK ?     ? ? 
hydrog2  hydrog ?    ? A DG  1  N2    ? ? ? 1_555 B DC  10 O2 ? ? A DG  1  B DC  20 1_555 ? ? ? ? ? ? WATSON-CRICK ?     ? ? 
hydrog3  hydrog ?    ? A DG  1  O6    ? ? ? 1_555 B DC  10 N4 ? ? A DG  1  B DC  20 1_555 ? ? ? ? ? ? WATSON-CRICK ?     ? ? 
hydrog4  hydrog ?    ? A DC  2  N3    ? ? ? 1_555 B DG  9  N1 ? ? A DC  2  B DG  19 1_555 ? ? ? ? ? ? WATSON-CRICK ?     ? ? 
hydrog5  hydrog ?    ? A DC  2  N4    ? ? ? 1_555 B DG  9  O6 ? ? A DC  2  B DG  19 1_555 ? ? ? ? ? ? WATSON-CRICK ?     ? ? 
hydrog6  hydrog ?    ? A DC  2  O2    ? ? ? 1_555 B DG  9  N2 ? ? A DC  2  B DG  19 1_555 ? ? ? ? ? ? WATSON-CRICK ?     ? ? 
hydrog7  hydrog ?    ? A DG  3  N1    ? ? ? 1_555 B DC  8  N3 ? ? A DG  3  B DC  18 1_555 ? ? ? ? ? ? WATSON-CRICK ?     ? ? 
hydrog8  hydrog ?    ? A DG  3  N2    ? ? ? 1_555 B DC  8  O2 ? ? A DG  3  B DC  18 1_555 ? ? ? ? ? ? WATSON-CRICK ?     ? ? 
hydrog9  hydrog ?    ? A DG  3  O6    ? ? ? 1_555 B DC  8  N4 ? ? A DG  3  B DC  18 1_555 ? ? ? ? ? ? WATSON-CRICK ?     ? ? 
hydrog10 hydrog ?    ? A DT  4  N3    ? ? ? 1_555 B DA  7  N1 ? ? A DT  4  B DA  17 1_555 ? ? ? ? ? ? WATSON-CRICK ?     ? ? 
hydrog11 hydrog ?    ? A DT  4  O4    ? ? ? 1_555 B DA  7  N6 ? ? A DT  4  B DA  17 1_555 ? ? ? ? ? ? WATSON-CRICK ?     ? ? 
hydrog12 hydrog ?    ? A DA  5  N1    ? ? ? 1_555 B T39 6  N3 ? ? A DA  5  B T39 16 1_555 ? ? ? ? ? ? WATSON-CRICK ?     ? ? 
hydrog13 hydrog ?    ? A DA  5  N6    ? ? ? 1_555 B T39 6  O4 ? ? A DA  5  B T39 16 1_555 ? ? ? ? ? ? WATSON-CRICK ?     ? ? 
hydrog14 hydrog ?    ? A T39 6  N3    ? ? ? 1_555 B DA  5  N1 ? ? A T39 6  B DA  15 1_555 ? ? ? ? ? ? WATSON-CRICK ?     ? ? 
hydrog15 hydrog ?    ? A T39 6  O4    ? ? ? 1_555 B DA  5  N6 ? ? A T39 6  B DA  15 1_555 ? ? ? ? ? ? WATSON-CRICK ?     ? ? 
hydrog16 hydrog ?    ? A DA  7  N1    ? ? ? 1_555 B DT  4  N3 ? ? A DA  7  B DT  14 1_555 ? ? ? ? ? ? WATSON-CRICK ?     ? ? 
hydrog17 hydrog ?    ? A DA  7  N6    ? ? ? 1_555 B DT  4  O4 ? ? A DA  7  B DT  14 1_555 ? ? ? ? ? ? WATSON-CRICK ?     ? ? 
hydrog18 hydrog ?    ? A DC  8  N3    ? ? ? 1_555 B DG  3  N1 ? ? A DC  8  B DG  13 1_555 ? ? ? ? ? ? WATSON-CRICK ?     ? ? 
hydrog19 hydrog ?    ? A DC  8  N4    ? ? ? 1_555 B DG  3  O6 ? ? A DC  8  B DG  13 1_555 ? ? ? ? ? ? WATSON-CRICK ?     ? ? 
hydrog20 hydrog ?    ? A DC  8  O2    ? ? ? 1_555 B DG  3  N2 ? ? A DC  8  B DG  13 1_555 ? ? ? ? ? ? WATSON-CRICK ?     ? ? 
hydrog21 hydrog ?    ? A DG  9  N1    ? ? ? 1_555 B DC  2  N3 ? ? A DG  9  B DC  12 1_555 ? ? ? ? ? ? WATSON-CRICK ?     ? ? 
hydrog22 hydrog ?    ? A DG  9  N2    ? ? ? 1_555 B DC  2  O2 ? ? A DG  9  B DC  12 1_555 ? ? ? ? ? ? WATSON-CRICK ?     ? ? 
hydrog23 hydrog ?    ? A DG  9  O6    ? ? ? 1_555 B DC  2  N4 ? ? A DG  9  B DC  12 1_555 ? ? ? ? ? ? WATSON-CRICK ?     ? ? 
hydrog24 hydrog ?    ? A DC  10 N3    ? ? ? 1_555 B DG  1  N1 ? ? A DC  10 B DG  11 1_555 ? ? ? ? ? ? WATSON-CRICK ?     ? ? 
hydrog25 hydrog ?    ? A DC  10 N4    ? ? ? 1_555 B DG  1  O6 ? ? A DC  10 B DG  11 1_555 ? ? ? ? ? ? WATSON-CRICK ?     ? ? 
hydrog26 hydrog ?    ? A DC  10 O2    ? ? ? 1_555 B DG  1  N2 ? ? A DC  10 B DG  11 1_555 ? ? ? ? ? ? WATSON-CRICK ?     ? ? 
# 
loop_
_struct_conn_type.id 
_struct_conn_type.criteria 
_struct_conn_type.reference 
covale ? ? 
hydrog ? ? 
# 
loop_
_pdbx_struct_mod_residue.id 
_pdbx_struct_mod_residue.label_asym_id 
_pdbx_struct_mod_residue.label_comp_id 
_pdbx_struct_mod_residue.label_seq_id 
_pdbx_struct_mod_residue.auth_asym_id 
_pdbx_struct_mod_residue.auth_comp_id 
_pdbx_struct_mod_residue.auth_seq_id 
_pdbx_struct_mod_residue.PDB_ins_code 
_pdbx_struct_mod_residue.parent_comp_id 
_pdbx_struct_mod_residue.details 
1 A T39 6 A T39 6  ? DT ? 
2 B T39 6 B T39 16 ? DT ? 
# 
loop_
_chem_comp_atom.comp_id 
_chem_comp_atom.atom_id 
_chem_comp_atom.type_symbol 
_chem_comp_atom.pdbx_aromatic_flag 
_chem_comp_atom.pdbx_stereo_config 
_chem_comp_atom.pdbx_ordinal 
DA  OP3    O N N 1   
DA  P      P N N 2   
DA  OP1    O N N 3   
DA  OP2    O N N 4   
DA  "O5'"  O N N 5   
DA  "C5'"  C N N 6   
DA  "C4'"  C N R 7   
DA  "O4'"  O N N 8   
DA  "C3'"  C N S 9   
DA  "O3'"  O N N 10  
DA  "C2'"  C N N 11  
DA  "C1'"  C N R 12  
DA  N9     N Y N 13  
DA  C8     C Y N 14  
DA  N7     N Y N 15  
DA  C5     C Y N 16  
DA  C6     C Y N 17  
DA  N6     N N N 18  
DA  N1     N Y N 19  
DA  C2     C Y N 20  
DA  N3     N Y N 21  
DA  C4     C Y N 22  
DA  HOP3   H N N 23  
DA  HOP2   H N N 24  
DA  "H5'"  H N N 25  
DA  "H5''" H N N 26  
DA  "H4'"  H N N 27  
DA  "H3'"  H N N 28  
DA  "HO3'" H N N 29  
DA  "H2'"  H N N 30  
DA  "H2''" H N N 31  
DA  "H1'"  H N N 32  
DA  H8     H N N 33  
DA  H61    H N N 34  
DA  H62    H N N 35  
DA  H2     H N N 36  
DC  OP3    O N N 37  
DC  P      P N N 38  
DC  OP1    O N N 39  
DC  OP2    O N N 40  
DC  "O5'"  O N N 41  
DC  "C5'"  C N N 42  
DC  "C4'"  C N R 43  
DC  "O4'"  O N N 44  
DC  "C3'"  C N S 45  
DC  "O3'"  O N N 46  
DC  "C2'"  C N N 47  
DC  "C1'"  C N R 48  
DC  N1     N N N 49  
DC  C2     C N N 50  
DC  O2     O N N 51  
DC  N3     N N N 52  
DC  C4     C N N 53  
DC  N4     N N N 54  
DC  C5     C N N 55  
DC  C6     C N N 56  
DC  HOP3   H N N 57  
DC  HOP2   H N N 58  
DC  "H5'"  H N N 59  
DC  "H5''" H N N 60  
DC  "H4'"  H N N 61  
DC  "H3'"  H N N 62  
DC  "HO3'" H N N 63  
DC  "H2'"  H N N 64  
DC  "H2''" H N N 65  
DC  "H1'"  H N N 66  
DC  H41    H N N 67  
DC  H42    H N N 68  
DC  H5     H N N 69  
DC  H6     H N N 70  
DG  OP3    O N N 71  
DG  P      P N N 72  
DG  OP1    O N N 73  
DG  OP2    O N N 74  
DG  "O5'"  O N N 75  
DG  "C5'"  C N N 76  
DG  "C4'"  C N R 77  
DG  "O4'"  O N N 78  
DG  "C3'"  C N S 79  
DG  "O3'"  O N N 80  
DG  "C2'"  C N N 81  
DG  "C1'"  C N R 82  
DG  N9     N Y N 83  
DG  C8     C Y N 84  
DG  N7     N Y N 85  
DG  C5     C Y N 86  
DG  C6     C N N 87  
DG  O6     O N N 88  
DG  N1     N N N 89  
DG  C2     C N N 90  
DG  N2     N N N 91  
DG  N3     N N N 92  
DG  C4     C Y N 93  
DG  HOP3   H N N 94  
DG  HOP2   H N N 95  
DG  "H5'"  H N N 96  
DG  "H5''" H N N 97  
DG  "H4'"  H N N 98  
DG  "H3'"  H N N 99  
DG  "HO3'" H N N 100 
DG  "H2'"  H N N 101 
DG  "H2''" H N N 102 
DG  "H1'"  H N N 103 
DG  H8     H N N 104 
DG  H1     H N N 105 
DG  H21    H N N 106 
DG  H22    H N N 107 
DT  OP3    O N N 108 
DT  P      P N N 109 
DT  OP1    O N N 110 
DT  OP2    O N N 111 
DT  "O5'"  O N N 112 
DT  "C5'"  C N N 113 
DT  "C4'"  C N R 114 
DT  "O4'"  O N N 115 
DT  "C3'"  C N S 116 
DT  "O3'"  O N N 117 
DT  "C2'"  C N N 118 
DT  "C1'"  C N R 119 
DT  N1     N N N 120 
DT  C2     C N N 121 
DT  O2     O N N 122 
DT  N3     N N N 123 
DT  C4     C N N 124 
DT  O4     O N N 125 
DT  C5     C N N 126 
DT  C7     C N N 127 
DT  C6     C N N 128 
DT  HOP3   H N N 129 
DT  HOP2   H N N 130 
DT  "H5'"  H N N 131 
DT  "H5''" H N N 132 
DT  "H4'"  H N N 133 
DT  "H3'"  H N N 134 
DT  "HO3'" H N N 135 
DT  "H2'"  H N N 136 
DT  "H2''" H N N 137 
DT  "H1'"  H N N 138 
DT  H3     H N N 139 
DT  H71    H N N 140 
DT  H72    H N N 141 
DT  H73    H N N 142 
DT  H6     H N N 143 
HOH O      O N N 144 
HOH H1     H N N 145 
HOH H2     H N N 146 
T39 P      P N N 147 
T39 OP1    O N N 148 
T39 OP2    O N N 149 
T39 "O5'"  O N N 150 
T39 "C5'"  C N N 151 
T39 "C4'"  C N R 152 
T39 "O4'"  O N N 153 
T39 "C3'"  C N R 154 
T39 "O3'"  O N N 155 
T39 "C2'"  C N R 156 
T39 "O2'"  O N N 157 
T39 "C1'"  C N R 158 
T39 N1     N N N 159 
T39 C2     C N N 160 
T39 O2     O N N 161 
T39 N3     N N N 162 
T39 C4     C N N 163 
T39 O4     O N N 164 
T39 C5     C N N 165 
T39 C7     C N N 166 
T39 C6     C N N 167 
T39 "CA'"  C N N 168 
T39 "CD'"  C N N 169 
T39 "CB'"  C N N 170 
T39 "OC'"  O N N 171 
T39 OP3    O N N 172 
T39 HOP2   H N N 173 
T39 "H5'"  H N N 174 
T39 "H5''" H N N 175 
T39 "H4'"  H N N 176 
T39 "H3'"  H N N 177 
T39 "HO3'" H N N 178 
T39 H7     H N N 179 
T39 "H1'"  H N N 180 
T39 H3     H N N 181 
T39 H71    H N N 182 
T39 H72    H N N 183 
T39 H73    H N N 184 
T39 H6     H N N 185 
T39 HCA2   H N N 186 
T39 HCA1   H N N 187 
T39 HCD1   H N N 188 
T39 HCD2   H N N 189 
T39 HCD3   H N N 190 
T39 HCB1   H N N 191 
T39 HCB2   H N N 192 
T39 HOP3   H N N 193 
# 
loop_
_chem_comp_bond.comp_id 
_chem_comp_bond.atom_id_1 
_chem_comp_bond.atom_id_2 
_chem_comp_bond.value_order 
_chem_comp_bond.pdbx_aromatic_flag 
_chem_comp_bond.pdbx_stereo_config 
_chem_comp_bond.pdbx_ordinal 
DA  OP3   P      sing N N 1   
DA  OP3   HOP3   sing N N 2   
DA  P     OP1    doub N N 3   
DA  P     OP2    sing N N 4   
DA  P     "O5'"  sing N N 5   
DA  OP2   HOP2   sing N N 6   
DA  "O5'" "C5'"  sing N N 7   
DA  "C5'" "C4'"  sing N N 8   
DA  "C5'" "H5'"  sing N N 9   
DA  "C5'" "H5''" sing N N 10  
DA  "C4'" "O4'"  sing N N 11  
DA  "C4'" "C3'"  sing N N 12  
DA  "C4'" "H4'"  sing N N 13  
DA  "O4'" "C1'"  sing N N 14  
DA  "C3'" "O3'"  sing N N 15  
DA  "C3'" "C2'"  sing N N 16  
DA  "C3'" "H3'"  sing N N 17  
DA  "O3'" "HO3'" sing N N 18  
DA  "C2'" "C1'"  sing N N 19  
DA  "C2'" "H2'"  sing N N 20  
DA  "C2'" "H2''" sing N N 21  
DA  "C1'" N9     sing N N 22  
DA  "C1'" "H1'"  sing N N 23  
DA  N9    C8     sing Y N 24  
DA  N9    C4     sing Y N 25  
DA  C8    N7     doub Y N 26  
DA  C8    H8     sing N N 27  
DA  N7    C5     sing Y N 28  
DA  C5    C6     sing Y N 29  
DA  C5    C4     doub Y N 30  
DA  C6    N6     sing N N 31  
DA  C6    N1     doub Y N 32  
DA  N6    H61    sing N N 33  
DA  N6    H62    sing N N 34  
DA  N1    C2     sing Y N 35  
DA  C2    N3     doub Y N 36  
DA  C2    H2     sing N N 37  
DA  N3    C4     sing Y N 38  
DC  OP3   P      sing N N 39  
DC  OP3   HOP3   sing N N 40  
DC  P     OP1    doub N N 41  
DC  P     OP2    sing N N 42  
DC  P     "O5'"  sing N N 43  
DC  OP2   HOP2   sing N N 44  
DC  "O5'" "C5'"  sing N N 45  
DC  "C5'" "C4'"  sing N N 46  
DC  "C5'" "H5'"  sing N N 47  
DC  "C5'" "H5''" sing N N 48  
DC  "C4'" "O4'"  sing N N 49  
DC  "C4'" "C3'"  sing N N 50  
DC  "C4'" "H4'"  sing N N 51  
DC  "O4'" "C1'"  sing N N 52  
DC  "C3'" "O3'"  sing N N 53  
DC  "C3'" "C2'"  sing N N 54  
DC  "C3'" "H3'"  sing N N 55  
DC  "O3'" "HO3'" sing N N 56  
DC  "C2'" "C1'"  sing N N 57  
DC  "C2'" "H2'"  sing N N 58  
DC  "C2'" "H2''" sing N N 59  
DC  "C1'" N1     sing N N 60  
DC  "C1'" "H1'"  sing N N 61  
DC  N1    C2     sing N N 62  
DC  N1    C6     sing N N 63  
DC  C2    O2     doub N N 64  
DC  C2    N3     sing N N 65  
DC  N3    C4     doub N N 66  
DC  C4    N4     sing N N 67  
DC  C4    C5     sing N N 68  
DC  N4    H41    sing N N 69  
DC  N4    H42    sing N N 70  
DC  C5    C6     doub N N 71  
DC  C5    H5     sing N N 72  
DC  C6    H6     sing N N 73  
DG  OP3   P      sing N N 74  
DG  OP3   HOP3   sing N N 75  
DG  P     OP1    doub N N 76  
DG  P     OP2    sing N N 77  
DG  P     "O5'"  sing N N 78  
DG  OP2   HOP2   sing N N 79  
DG  "O5'" "C5'"  sing N N 80  
DG  "C5'" "C4'"  sing N N 81  
DG  "C5'" "H5'"  sing N N 82  
DG  "C5'" "H5''" sing N N 83  
DG  "C4'" "O4'"  sing N N 84  
DG  "C4'" "C3'"  sing N N 85  
DG  "C4'" "H4'"  sing N N 86  
DG  "O4'" "C1'"  sing N N 87  
DG  "C3'" "O3'"  sing N N 88  
DG  "C3'" "C2'"  sing N N 89  
DG  "C3'" "H3'"  sing N N 90  
DG  "O3'" "HO3'" sing N N 91  
DG  "C2'" "C1'"  sing N N 92  
DG  "C2'" "H2'"  sing N N 93  
DG  "C2'" "H2''" sing N N 94  
DG  "C1'" N9     sing N N 95  
DG  "C1'" "H1'"  sing N N 96  
DG  N9    C8     sing Y N 97  
DG  N9    C4     sing Y N 98  
DG  C8    N7     doub Y N 99  
DG  C8    H8     sing N N 100 
DG  N7    C5     sing Y N 101 
DG  C5    C6     sing N N 102 
DG  C5    C4     doub Y N 103 
DG  C6    O6     doub N N 104 
DG  C6    N1     sing N N 105 
DG  N1    C2     sing N N 106 
DG  N1    H1     sing N N 107 
DG  C2    N2     sing N N 108 
DG  C2    N3     doub N N 109 
DG  N2    H21    sing N N 110 
DG  N2    H22    sing N N 111 
DG  N3    C4     sing N N 112 
DT  OP3   P      sing N N 113 
DT  OP3   HOP3   sing N N 114 
DT  P     OP1    doub N N 115 
DT  P     OP2    sing N N 116 
DT  P     "O5'"  sing N N 117 
DT  OP2   HOP2   sing N N 118 
DT  "O5'" "C5'"  sing N N 119 
DT  "C5'" "C4'"  sing N N 120 
DT  "C5'" "H5'"  sing N N 121 
DT  "C5'" "H5''" sing N N 122 
DT  "C4'" "O4'"  sing N N 123 
DT  "C4'" "C3'"  sing N N 124 
DT  "C4'" "H4'"  sing N N 125 
DT  "O4'" "C1'"  sing N N 126 
DT  "C3'" "O3'"  sing N N 127 
DT  "C3'" "C2'"  sing N N 128 
DT  "C3'" "H3'"  sing N N 129 
DT  "O3'" "HO3'" sing N N 130 
DT  "C2'" "C1'"  sing N N 131 
DT  "C2'" "H2'"  sing N N 132 
DT  "C2'" "H2''" sing N N 133 
DT  "C1'" N1     sing N N 134 
DT  "C1'" "H1'"  sing N N 135 
DT  N1    C2     sing N N 136 
DT  N1    C6     sing N N 137 
DT  C2    O2     doub N N 138 
DT  C2    N3     sing N N 139 
DT  N3    C4     sing N N 140 
DT  N3    H3     sing N N 141 
DT  C4    O4     doub N N 142 
DT  C4    C5     sing N N 143 
DT  C5    C7     sing N N 144 
DT  C5    C6     doub N N 145 
DT  C7    H71    sing N N 146 
DT  C7    H72    sing N N 147 
DT  C7    H73    sing N N 148 
DT  C6    H6     sing N N 149 
HOH O     H1     sing N N 150 
HOH O     H2     sing N N 151 
T39 "CD'" "OC'"  sing N N 152 
T39 "OC'" "CB'"  sing N N 153 
T39 "CB'" "CA'"  sing N N 154 
T39 "CA'" "O2'"  sing N N 155 
T39 "O2'" "C2'"  sing N N 156 
T39 "O3'" "C3'"  sing N N 157 
T39 "C2'" "C3'"  sing N N 158 
T39 "C2'" "C1'"  sing N N 159 
T39 "C3'" "C4'"  sing N N 160 
T39 O2    C2     doub N N 161 
T39 "C4'" "O4'"  sing N N 162 
T39 "C4'" "C5'"  sing N N 163 
T39 "C1'" "O4'"  sing N N 164 
T39 "C1'" N1     sing N N 165 
T39 C2    N1     sing N N 166 
T39 C2    N3     sing N N 167 
T39 N1    C6     sing N N 168 
T39 "C5'" "O5'"  sing N N 169 
T39 N3    C4     sing N N 170 
T39 "O5'" P      sing N N 171 
T39 C6    C5     doub N N 172 
T39 C4    C5     sing N N 173 
T39 C4    O4     doub N N 174 
T39 C5    C7     sing N N 175 
T39 OP1   P      doub N N 176 
T39 P     OP2    sing N N 177 
T39 P     OP3    sing N N 178 
T39 OP2   HOP2   sing N N 179 
T39 "C5'" "H5'"  sing N N 180 
T39 "C5'" "H5''" sing N N 181 
T39 "C4'" "H4'"  sing N N 182 
T39 "C3'" "H3'"  sing N N 183 
T39 "O3'" "HO3'" sing N N 184 
T39 "C2'" H7     sing N N 185 
T39 "C1'" "H1'"  sing N N 186 
T39 N3    H3     sing N N 187 
T39 C7    H71    sing N N 188 
T39 C7    H72    sing N N 189 
T39 C7    H73    sing N N 190 
T39 C6    H6     sing N N 191 
T39 "CA'" HCA2   sing N N 192 
T39 "CA'" HCA1   sing N N 193 
T39 "CD'" HCD1   sing N N 194 
T39 "CD'" HCD2   sing N N 195 
T39 "CD'" HCD3   sing N N 196 
T39 "CB'" HCB1   sing N N 197 
T39 "CB'" HCB2   sing N N 198 
T39 OP3   HOP3   sing N N 199 
# 
_ndb_struct_conf_na.entry_id   411D 
_ndb_struct_conf_na.feature    'a-form double helix' 
# 
loop_
_ndb_struct_na_base_pair.model_number 
_ndb_struct_na_base_pair.i_label_asym_id 
_ndb_struct_na_base_pair.i_label_comp_id 
_ndb_struct_na_base_pair.i_label_seq_id 
_ndb_struct_na_base_pair.i_symmetry 
_ndb_struct_na_base_pair.j_label_asym_id 
_ndb_struct_na_base_pair.j_label_comp_id 
_ndb_struct_na_base_pair.j_label_seq_id 
_ndb_struct_na_base_pair.j_symmetry 
_ndb_struct_na_base_pair.shear 
_ndb_struct_na_base_pair.stretch 
_ndb_struct_na_base_pair.stagger 
_ndb_struct_na_base_pair.buckle 
_ndb_struct_na_base_pair.propeller 
_ndb_struct_na_base_pair.opening 
_ndb_struct_na_base_pair.pair_number 
_ndb_struct_na_base_pair.pair_name 
_ndb_struct_na_base_pair.i_auth_asym_id 
_ndb_struct_na_base_pair.i_auth_seq_id 
_ndb_struct_na_base_pair.i_PDB_ins_code 
_ndb_struct_na_base_pair.j_auth_asym_id 
_ndb_struct_na_base_pair.j_auth_seq_id 
_ndb_struct_na_base_pair.j_PDB_ins_code 
_ndb_struct_na_base_pair.hbond_type_28 
_ndb_struct_na_base_pair.hbond_type_12 
1 A DG  1  1_555 B DC  10 1_555 -0.449 -0.290 0.212  -0.171 -10.911 -2.370 1  A_DG1:DC20_B  A 1  ? B 20 ? 19 1 
1 A DC  2  1_555 B DG  9  1_555 0.150  -0.090 0.128  2.478  -13.031 1.882  2  A_DC2:DG19_B  A 2  ? B 19 ? 19 1 
1 A DG  3  1_555 B DC  8  1_555 -0.472 -0.340 0.033  -8.836 -11.566 -1.411 3  A_DG3:DC18_B  A 3  ? B 18 ? 19 1 
1 A DT  4  1_555 B DA  7  1_555 -0.053 -0.142 -0.011 -3.208 -18.129 2.286  4  A_DT4:DA17_B  A 4  ? B 17 ? 20 1 
1 A DA  5  1_555 B T39 6  1_555 0.295  -0.098 0.171  -1.506 -15.822 -1.614 5  A_DA5:T3916_B A 5  ? B 16 ? 20 1 
1 A T39 6  1_555 B DA  5  1_555 -0.083 -0.073 0.221  7.388  -17.174 6.680  6  A_T396:DA15_B A 6  ? B 15 ? 20 1 
1 A DA  7  1_555 B DT  4  1_555 0.139  -0.086 0.141  3.240  -13.519 2.634  7  A_DA7:DT14_B  A 7  ? B 14 ? 20 1 
1 A DC  8  1_555 B DG  3  1_555 0.438  -0.309 0.000  5.978  -13.875 0.263  8  A_DC8:DG13_B  A 8  ? B 13 ? 19 1 
1 A DG  9  1_555 B DC  2  1_555 -0.254 -0.168 0.148  -3.097 -11.142 1.163  9  A_DG9:DC12_B  A 9  ? B 12 ? 19 1 
1 A DC  10 1_555 B DG  1  1_555 0.338  -0.216 0.189  -2.987 1.632   0.119  10 A_DC10:DG11_B A 10 ? B 11 ? 19 1 
# 
loop_
_ndb_struct_na_base_pair_step.model_number 
_ndb_struct_na_base_pair_step.i_label_asym_id_1 
_ndb_struct_na_base_pair_step.i_label_comp_id_1 
_ndb_struct_na_base_pair_step.i_label_seq_id_1 
_ndb_struct_na_base_pair_step.i_symmetry_1 
_ndb_struct_na_base_pair_step.j_label_asym_id_1 
_ndb_struct_na_base_pair_step.j_label_comp_id_1 
_ndb_struct_na_base_pair_step.j_label_seq_id_1 
_ndb_struct_na_base_pair_step.j_symmetry_1 
_ndb_struct_na_base_pair_step.i_label_asym_id_2 
_ndb_struct_na_base_pair_step.i_label_comp_id_2 
_ndb_struct_na_base_pair_step.i_label_seq_id_2 
_ndb_struct_na_base_pair_step.i_symmetry_2 
_ndb_struct_na_base_pair_step.j_label_asym_id_2 
_ndb_struct_na_base_pair_step.j_label_comp_id_2 
_ndb_struct_na_base_pair_step.j_label_seq_id_2 
_ndb_struct_na_base_pair_step.j_symmetry_2 
_ndb_struct_na_base_pair_step.shift 
_ndb_struct_na_base_pair_step.slide 
_ndb_struct_na_base_pair_step.rise 
_ndb_struct_na_base_pair_step.tilt 
_ndb_struct_na_base_pair_step.roll 
_ndb_struct_na_base_pair_step.twist 
_ndb_struct_na_base_pair_step.x_displacement 
_ndb_struct_na_base_pair_step.y_displacement 
_ndb_struct_na_base_pair_step.helical_rise 
_ndb_struct_na_base_pair_step.inclination 
_ndb_struct_na_base_pair_step.tip 
_ndb_struct_na_base_pair_step.helical_twist 
_ndb_struct_na_base_pair_step.step_number 
_ndb_struct_na_base_pair_step.step_name 
_ndb_struct_na_base_pair_step.i_auth_asym_id_1 
_ndb_struct_na_base_pair_step.i_auth_seq_id_1 
_ndb_struct_na_base_pair_step.i_PDB_ins_code_1 
_ndb_struct_na_base_pair_step.j_auth_asym_id_1 
_ndb_struct_na_base_pair_step.j_auth_seq_id_1 
_ndb_struct_na_base_pair_step.j_PDB_ins_code_1 
_ndb_struct_na_base_pair_step.i_auth_asym_id_2 
_ndb_struct_na_base_pair_step.i_auth_seq_id_2 
_ndb_struct_na_base_pair_step.i_PDB_ins_code_2 
_ndb_struct_na_base_pair_step.j_auth_asym_id_2 
_ndb_struct_na_base_pair_step.j_auth_seq_id_2 
_ndb_struct_na_base_pair_step.j_PDB_ins_code_2 
1 A DG  1 1_555 B DC  10 1_555 A DC  2  1_555 B DG  9 1_555 0.522  -1.322 3.253 0.960  -0.410 38.355 -1.961 -0.675 3.278 -0.623 
-1.461 38.368 1 AA_DG1DC2:DG19DC20_BB   A 1 ? B 20 ? A 2  ? B 19 ? 
1 A DC  2 1_555 B DG  9  1_555 A DG  3  1_555 B DC  8 1_555 0.122  -2.110 3.540 0.652  7.696  26.080 -6.408 -0.098 2.815 16.595 
-1.406 27.181 2 AA_DC2DG3:DC18DG19_BB   A 2 ? B 19 ? A 3  ? B 18 ? 
1 A DG  3 1_555 B DC  8  1_555 A DT  4  1_555 B DA  7 1_555 -1.029 -1.577 3.179 -1.080 5.058  34.648 -3.338 1.557  2.957 8.434  
1.801  35.020 3 AA_DG3DT4:DA17DC18_BB   A 3 ? B 18 ? A 4  ? B 17 ? 
1 A DT  4 1_555 B DA  7  1_555 A DA  5  1_555 B T39 6 1_555 0.559  -1.440 3.195 1.168  20.737 26.944 -5.275 -0.800 1.707 38.130 
-2.147 33.902 4 AA_DT4DA5:T3916DA17_BB  A 4 ? B 17 ? A 5  ? B 16 ? 
1 A DA  5 1_555 B T39 6  1_555 A T39 6  1_555 B DA  5 1_555 0.701  -1.270 3.088 0.624  4.264  30.384 -3.171 -1.211 2.900 8.085  
-1.183 30.681 5 AA_DA5T396:DA15T3916_BB A 5 ? B 16 ? A 6  ? B 15 ? 
1 A T39 6 1_555 B DA  5  1_555 A DA  7  1_555 B DT  4 1_555 -0.336 -1.316 3.201 -0.043 13.921 32.988 -3.961 0.541  2.464 23.269 
0.071  35.730 6 AA_T396DA7:DT14DA15_BB  A 6 ? B 15 ? A 7  ? B 14 ? 
1 A DA  7 1_555 B DT  4  1_555 A DC  8  1_555 B DG  3 1_555 0.184  -1.585 3.303 1.821  3.513  32.257 -3.439 -0.014 3.123 6.294  
-3.263 32.492 7 AA_DA7DC8:DG13DT14_BB   A 7 ? B 14 ? A 8  ? B 13 ? 
1 A DC  8 1_555 B DG  3  1_555 A DG  9  1_555 B DC  2 1_555 -0.167 -1.903 3.375 -1.686 10.719 27.859 -5.765 -0.001 2.494 21.269 
3.345  29.859 8 AA_DC8DG9:DC12DG13_BB   A 8 ? B 13 ? A 9  ? B 12 ? 
1 A DG  9 1_555 B DC  2  1_555 A DC  10 1_555 B DG  1 1_555 0.093  -1.907 3.427 0.951  1.483  33.970 -3.504 -0.003 3.345 2.536  
-1.627 34.014 9 AA_DG9DC10:DG11DC12_BB  A 9 ? B 12 ? A 10 ? B 11 ? 
# 
_atom_sites.entry_id                    411D 
_atom_sites.fract_transf_matrix[1][1]   -0.00653020 
_atom_sites.fract_transf_matrix[1][2]   0.00651206 
_atom_sites.fract_transf_matrix[1][3]   -0.03903745 
_atom_sites.fract_transf_matrix[2][1]   -0.01104761 
_atom_sites.fract_transf_matrix[2][2]   0.01886709 
_atom_sites.fract_transf_matrix[2][3]   0.00499537 
_atom_sites.fract_transf_matrix[3][1]   0.01883838 
_atom_sites.fract_transf_matrix[3][2]   0.01136327 
_atom_sites.fract_transf_matrix[3][3]   -0.00125572 
_atom_sites.fract_transf_vector[1]      0.118103 
_atom_sites.fract_transf_vector[2]      -0.006844 
_atom_sites.fract_transf_vector[3]      0.206725 
# 
loop_
_atom_type.symbol 
C 
N 
O 
P 
# 
loop_
_atom_site.group_PDB 
_atom_site.id 
_atom_site.type_symbol 
_atom_site.label_atom_id 
_atom_site.label_alt_id 
_atom_site.label_comp_id 
_atom_site.label_asym_id 
_atom_site.label_entity_id 
_atom_site.label_seq_id 
_atom_site.pdbx_PDB_ins_code 
_atom_site.Cartn_x 
_atom_site.Cartn_y 
_atom_site.Cartn_z 
_atom_site.occupancy 
_atom_site.B_iso_or_equiv 
_atom_site.pdbx_formal_charge 
_atom_site.auth_seq_id 
_atom_site.auth_comp_id 
_atom_site.auth_asym_id 
_atom_site.auth_atom_id 
_atom_site.pdbx_PDB_model_num 
ATOM   1   O "O5'" . DG  A 1 1  ? 8.280   1.419   -9.490 1.00 40.59 ? 1   DG  A "O5'" 1 
ATOM   2   C "C5'" . DG  A 1 1  ? 9.693   1.207   -9.437 1.00 34.43 ? 1   DG  A "C5'" 1 
ATOM   3   C "C4'" . DG  A 1 1  ? 10.402  2.460   -8.982 1.00 31.44 ? 1   DG  A "C4'" 1 
ATOM   4   O "O4'" . DG  A 1 1  ? 10.043  3.561   -9.835 1.00 29.64 ? 1   DG  A "O4'" 1 
ATOM   5   C "C3'" . DG  A 1 1  ? 10.026  2.898   -7.582 1.00 28.80 ? 1   DG  A "C3'" 1 
ATOM   6   O "O3'" . DG  A 1 1  ? 10.843  2.166   -6.665 1.00 28.10 ? 1   DG  A "O3'" 1 
ATOM   7   C "C2'" . DG  A 1 1  ? 10.360  4.375   -7.638 1.00 24.39 ? 1   DG  A "C2'" 1 
ATOM   8   C "C1'" . DG  A 1 1  ? 9.927   4.737   -9.052 1.00 25.82 ? 1   DG  A "C1'" 1 
ATOM   9   N N9    . DG  A 1 1  ? 8.544   5.180   -9.135 1.00 22.80 ? 1   DG  A N9    1 
ATOM   10  C C8    . DG  A 1 1  ? 7.487   4.549   -9.748 1.00 23.14 ? 1   DG  A C8    1 
ATOM   11  N N7    . DG  A 1 1  ? 6.371   5.214   -9.657 1.00 25.22 ? 1   DG  A N7    1 
ATOM   12  C C5    . DG  A 1 1  ? 6.715   6.350   -8.941 1.00 23.31 ? 1   DG  A C5    1 
ATOM   13  C C6    . DG  A 1 1  ? 5.927   7.451   -8.538 1.00 21.68 ? 1   DG  A C6    1 
ATOM   14  O O6    . DG  A 1 1  ? 4.726   7.659   -8.757 1.00 22.01 ? 1   DG  A O6    1 
ATOM   15  N N1    . DG  A 1 1  ? 6.685   8.381   -7.814 1.00 19.25 ? 1   DG  A N1    1 
ATOM   16  C C2    . DG  A 1 1  ? 8.029   8.253   -7.526 1.00 15.86 ? 1   DG  A C2    1 
ATOM   17  N N2    . DG  A 1 1  ? 8.614   9.217   -6.806 1.00 16.35 ? 1   DG  A N2    1 
ATOM   18  N N3    . DG  A 1 1  ? 8.764   7.238   -7.914 1.00 18.08 ? 1   DG  A N3    1 
ATOM   19  C C4    . DG  A 1 1  ? 8.053   6.330   -8.611 1.00 20.21 ? 1   DG  A C4    1 
ATOM   20  P P     . DC  A 1 2  ? 10.219  1.609   -5.291 1.00 28.49 ? 2   DC  A P     1 
ATOM   21  O OP1   . DC  A 1 2  ? 11.258  0.771   -4.661 1.00 31.95 ? 2   DC  A OP1   1 
ATOM   22  O OP2   . DC  A 1 2  ? 8.883   1.041   -5.553 1.00 30.28 ? 2   DC  A OP2   1 
ATOM   23  O "O5'" . DC  A 1 2  ? 10.078  2.908   -4.395 1.00 25.62 ? 2   DC  A "O5'" 1 
ATOM   24  C "C5'" . DC  A 1 2  ? 11.253  3.669   -4.076 1.00 21.63 ? 2   DC  A "C5'" 1 
ATOM   25  C "C4'" . DC  A 1 2  ? 10.875  5.072   -3.696 1.00 19.66 ? 2   DC  A "C4'" 1 
ATOM   26  O "O4'" . DC  A 1 2  ? 10.124  5.696   -4.758 1.00 19.73 ? 2   DC  A "O4'" 1 
ATOM   27  C "C3'" . DC  A 1 2  ? 9.914   5.082   -2.538 1.00 20.23 ? 2   DC  A "C3'" 1 
ATOM   28  O "O3'" . DC  A 1 2  ? 10.642  4.934   -1.339 1.00 21.36 ? 2   DC  A "O3'" 1 
ATOM   29  C "C2'" . DC  A 1 2  ? 9.267   6.446   -2.684 1.00 18.70 ? 2   DC  A "C2'" 1 
ATOM   30  C "C1'" . DC  A 1 2  ? 9.132   6.570   -4.199 1.00 18.20 ? 2   DC  A "C1'" 1 
ATOM   31  N N1    . DC  A 1 2  ? 7.806   6.182   -4.735 1.00 18.09 ? 2   DC  A N1    1 
ATOM   32  C C2    . DC  A 1 2  ? 6.738   7.096   -4.647 1.00 15.65 ? 2   DC  A C2    1 
ATOM   33  O O2    . DC  A 1 2  ? 6.894   8.178   -4.084 1.00 15.52 ? 2   DC  A O2    1 
ATOM   34  N N3    . DC  A 1 2  ? 5.542   6.765   -5.172 1.00 14.72 ? 2   DC  A N3    1 
ATOM   35  C C4    . DC  A 1 2  ? 5.370   5.580   -5.749 1.00 15.05 ? 2   DC  A C4    1 
ATOM   36  N N4    . DC  A 1 2  ? 4.167   5.304   -6.254 1.00 16.82 ? 2   DC  A N4    1 
ATOM   37  C C5    . DC  A 1 2  ? 6.420   4.620   -5.837 1.00 17.24 ? 2   DC  A C5    1 
ATOM   38  C C6    . DC  A 1 2  ? 7.612   4.955   -5.323 1.00 18.35 ? 2   DC  A C6    1 
ATOM   39  P P     . DG  A 1 3  ? 9.866   4.569   -0.008 1.00 24.03 ? 3   DG  A P     1 
ATOM   40  O OP1   . DG  A 1 3  ? 10.871  4.734   1.058  1.00 28.94 ? 3   DG  A OP1   1 
ATOM   41  O OP2   . DG  A 1 3  ? 9.180   3.268   -0.194 1.00 25.54 ? 3   DG  A OP2   1 
ATOM   42  O "O5'" . DG  A 1 3  ? 8.754   5.712   0.044  1.00 23.88 ? 3   DG  A "O5'" 1 
ATOM   43  C "C5'" . DG  A 1 3  ? 8.179   6.188   1.254  1.00 21.64 ? 3   DG  A "C5'" 1 
ATOM   44  C "C4'" . DG  A 1 3  ? 7.223   7.326   0.967  1.00 19.60 ? 3   DG  A "C4'" 1 
ATOM   45  O "O4'" . DG  A 1 3  ? 6.791   7.406   -0.407 1.00 18.43 ? 3   DG  A "O4'" 1 
ATOM   46  C "C3'" . DG  A 1 3  ? 5.931   7.208   1.734  1.00 19.44 ? 3   DG  A "C3'" 1 
ATOM   47  O "O3'" . DG  A 1 3  ? 6.173   7.630   3.052  1.00 20.71 ? 3   DG  A "O3'" 1 
ATOM   48  C "C2'" . DG  A 1 3  ? 5.025   8.159   0.987  1.00 15.66 ? 3   DG  A "C2'" 1 
ATOM   49  C "C1'" . DG  A 1 3  ? 5.494   7.993   -0.444 1.00 15.42 ? 3   DG  A "C1'" 1 
ATOM   50  N N9    . DG  A 1 3  ? 4.641   7.124   -1.226 1.00 13.63 ? 3   DG  A N9    1 
ATOM   51  C C8    . DG  A 1 3  ? 4.961   5.940   -1.842 1.00 14.23 ? 3   DG  A C8    1 
ATOM   52  N N7    . DG  A 1 3  ? 3.963   5.425   -2.497 1.00 14.91 ? 3   DG  A N7    1 
ATOM   53  C C5    . DG  A 1 3  ? 2.927   6.327   -2.295 1.00 13.41 ? 3   DG  A C5    1 
ATOM   54  C C6    . DG  A 1 3  ? 1.604   6.309   -2.772 1.00 13.94 ? 3   DG  A C6    1 
ATOM   55  O O6    . DG  A 1 3  ? 1.066   5.478   -3.529 1.00 16.60 ? 3   DG  A O6    1 
ATOM   56  N N1    . DG  A 1 3  ? 0.886   7.415   -2.311 1.00 12.82 ? 3   DG  A N1    1 
ATOM   57  C C2    . DG  A 1 3  ? 1.397   8.417   -1.512 1.00 11.89 ? 3   DG  A C2    1 
ATOM   58  N N2    . DG  A 1 3  ? 0.565   9.439   -1.179 1.00 12.58 ? 3   DG  A N2    1 
ATOM   59  N N3    . DG  A 1 3  ? 2.643   8.430   -1.074 1.00 13.97 ? 3   DG  A N3    1 
ATOM   60  C C4    . DG  A 1 3  ? 3.341   7.363   -1.502 1.00 13.98 ? 3   DG  A C4    1 
ATOM   61  P P     . DT  A 1 4  ? 5.244   7.099   4.221  1.00 22.96 ? 4   DT  A P     1 
ATOM   62  O OP1   . DT  A 1 4  ? 5.870   7.606   5.440  1.00 25.06 ? 4   DT  A OP1   1 
ATOM   63  O OP2   . DT  A 1 4  ? 4.994   5.653   4.078  1.00 22.90 ? 4   DT  A OP2   1 
ATOM   64  O "O5'" . DT  A 1 4  ? 3.884   7.889   3.976  1.00 19.73 ? 4   DT  A "O5'" 1 
ATOM   65  C "C5'" . DT  A 1 4  ? 3.769   9.289   4.297  1.00 17.73 ? 4   DT  A "C5'" 1 
ATOM   66  C "C4'" . DT  A 1 4  ? 2.318   9.704   4.258  1.00 17.33 ? 4   DT  A "C4'" 1 
ATOM   67  O "O4'" . DT  A 1 4  ? 1.808   9.626   2.917  1.00 18.42 ? 4   DT  A "O4'" 1 
ATOM   68  C "C3'" . DT  A 1 4  ? 1.422   8.770   5.045  1.00 17.34 ? 4   DT  A "C3'" 1 
ATOM   69  O "O3'" . DT  A 1 4  ? 1.459   9.152   6.407  1.00 21.56 ? 4   DT  A "O3'" 1 
ATOM   70  C "C2'" . DT  A 1 4  ? 0.076   8.979   4.388  1.00 17.35 ? 4   DT  A "C2'" 1 
ATOM   71  C "C1'" . DT  A 1 4  ? 0.455   9.154   2.923  1.00 15.49 ? 4   DT  A "C1'" 1 
ATOM   72  N N1    . DT  A 1 4  ? 0.388   7.911   2.106  1.00 15.88 ? 4   DT  A N1    1 
ATOM   73  C C2    . DT  A 1 4  ? -0.769  7.669   1.392  1.00 15.06 ? 4   DT  A C2    1 
ATOM   74  O O2    . DT  A 1 4  ? -1.758  8.402   1.428  1.00 16.44 ? 4   DT  A O2    1 
ATOM   75  N N3    . DT  A 1 4  ? -0.738  6.524   0.638  1.00 14.58 ? 4   DT  A N3    1 
ATOM   76  C C4    . DT  A 1 4  ? 0.302   5.609   0.524  1.00 14.22 ? 4   DT  A C4    1 
ATOM   77  O O4    . DT  A 1 4  ? 0.174   4.631   -0.216 1.00 16.75 ? 4   DT  A O4    1 
ATOM   78  C C5    . DT  A 1 4  ? 1.474   5.916   1.314  1.00 13.01 ? 4   DT  A C5    1 
ATOM   79  C C7    . DT  A 1 4  ? 2.643   4.970   1.298  1.00 10.67 ? 4   DT  A C7    1 
ATOM   80  C C6    . DT  A 1 4  ? 1.469   7.036   2.044  1.00 15.75 ? 4   DT  A C6    1 
ATOM   81  P P     . DA  A 1 5  ? 1.197   8.058   7.557  1.00 24.04 ? 5   DA  A P     1 
ATOM   82  O OP1   . DA  A 1 5  ? 1.149   8.841   8.847  1.00 26.78 ? 5   DA  A OP1   1 
ATOM   83  O OP2   . DA  A 1 5  ? 2.166   6.917   7.408  1.00 23.79 ? 5   DA  A OP2   1 
ATOM   84  O "O5'" . DA  A 1 5  ? -0.276  7.557   7.238  1.00 22.39 ? 5   DA  A "O5'" 1 
ATOM   85  C "C5'" . DA  A 1 5  ? -0.644  6.191   7.164  1.00 19.36 ? 5   DA  A "C5'" 1 
ATOM   86  C "C4'" . DA  A 1 5  ? -2.084  6.138   6.725  1.00 18.92 ? 5   DA  A "C4'" 1 
ATOM   87  O "O4'" . DA  A 1 5  ? -2.166  6.519   5.340  1.00 17.40 ? 5   DA  A "O4'" 1 
ATOM   88  C "C3'" . DA  A 1 5  ? -2.799  4.804   6.816  1.00 19.72 ? 5   DA  A "C3'" 1 
ATOM   89  O "O3'" . DA  A 1 5  ? -3.330  4.681   8.131  1.00 22.98 ? 5   DA  A "O3'" 1 
ATOM   90  C "C2'" . DA  A 1 5  ? -3.911  4.998   5.809  1.00 18.52 ? 5   DA  A "C2'" 1 
ATOM   91  C "C1'" . DA  A 1 5  ? -3.173  5.739   4.705  1.00 15.31 ? 5   DA  A "C1'" 1 
ATOM   92  N N9    . DA  A 1 5  ? -2.511  4.836   3.769  1.00 13.81 ? 5   DA  A N9    1 
ATOM   93  C C8    . DA  A 1 5  ? -1.185  4.509   3.728  1.00 8.90  ? 5   DA  A C8    1 
ATOM   94  N N7    . DA  A 1 5  ? -0.872  3.703   2.750  1.00 12.54 ? 5   DA  A N7    1 
ATOM   95  C C5    . DA  A 1 5  ? -2.078  3.467   2.106  1.00 12.20 ? 5   DA  A C5    1 
ATOM   96  C C6    . DA  A 1 5  ? -2.421  2.713   0.985  1.00 10.11 ? 5   DA  A C6    1 
ATOM   97  N N6    . DA  A 1 5  ? -1.554  1.985   0.284  1.00 10.63 ? 5   DA  A N6    1 
ATOM   98  N N1    . DA  A 1 5  ? -3.713  2.716   0.605  1.00 12.99 ? 5   DA  A N1    1 
ATOM   99  C C2    . DA  A 1 5  ? -4.587  3.434   1.297  1.00 9.13  ? 5   DA  A C2    1 
ATOM   100 N N3    . DA  A 1 5  ? -4.394  4.175   2.369  1.00 13.46 ? 5   DA  A N3    1 
ATOM   101 C C4    . DA  A 1 5  ? -3.096  4.156   2.728  1.00 13.26 ? 5   DA  A C4    1 
HETATM 102 P P     . T39 A 1 6  ? -3.429  3.246   8.825  1.00 23.93 ? 6   T39 A P     1 
HETATM 103 O OP1   . T39 A 1 6  ? -3.916  3.533   10.184 1.00 29.15 ? 6   T39 A OP1   1 
HETATM 104 O OP2   . T39 A 1 6  ? -2.129  2.560   8.658  1.00 24.20 ? 6   T39 A OP2   1 
HETATM 105 O "O5'" . T39 A 1 6  ? -4.547  2.475   7.986  1.00 23.48 ? 6   T39 A "O5'" 1 
HETATM 106 C "C5'" . T39 A 1 6  ? -5.915  2.916   7.979  1.00 19.21 ? 6   T39 A "C5'" 1 
HETATM 107 C "C4'" . T39 A 1 6  ? -6.706  2.204   6.917  1.00 21.73 ? 6   T39 A "C4'" 1 
HETATM 108 O "O4'" . T39 A 1 6  ? -6.190  2.568   5.608  1.00 20.97 ? 6   T39 A "O4'" 1 
HETATM 109 C "C3'" . T39 A 1 6  ? -6.642  0.678   6.912  1.00 25.22 ? 6   T39 A "C3'" 1 
HETATM 110 O "O3'" . T39 A 1 6  ? -7.490  0.058   7.873  1.00 25.16 ? 6   T39 A "O3'" 1 
HETATM 111 C "C2'" . T39 A 1 6  ? -7.089  0.362   5.499  1.00 23.51 ? 6   T39 A "C2'" 1 
HETATM 112 O "O2'" . T39 A 1 6  ? -8.490  0.505   5.375  1.00 26.08 ? 6   T39 A "O2'" 1 
HETATM 113 C "C1'" . T39 A 1 6  ? -6.352  1.461   4.725  1.00 22.14 ? 6   T39 A "C1'" 1 
HETATM 114 N N1    . T39 A 1 6  ? -5.027  1.006   4.242  1.00 18.62 ? 6   T39 A N1    1 
HETATM 115 C C2    . T39 A 1 6  ? -4.990  0.370   3.012  1.00 17.42 ? 6   T39 A C2    1 
HETATM 116 O O2    . T39 A 1 6  ? -5.974  0.144   2.332  1.00 17.72 ? 6   T39 A O2    1 
HETATM 117 N N3    . T39 A 1 6  ? -3.750  -0.010  2.603  1.00 13.85 ? 6   T39 A N3    1 
HETATM 118 C C4    . T39 A 1 6  ? -2.562  0.164   3.276  1.00 15.78 ? 6   T39 A C4    1 
HETATM 119 O O4    . T39 A 1 6  ? -1.524  -0.236  2.761  1.00 17.21 ? 6   T39 A O4    1 
HETATM 120 C C5    . T39 A 1 6  ? -2.662  0.822   4.557  1.00 17.02 ? 6   T39 A C5    1 
HETATM 121 C C7    . T39 A 1 6  ? -1.414  1.046   5.364  1.00 17.79 ? 6   T39 A C7    1 
HETATM 122 C C6    . T39 A 1 6  ? -3.872  1.216   4.974  1.00 18.20 ? 6   T39 A C6    1 
HETATM 123 C "CA'" . T39 A 1 6  ? -8.980  0.204   4.055  1.00 31.09 ? 6   T39 A "CA'" 1 
HETATM 124 C "CD'" . T39 A 1 6  ? -11.693 1.167   5.140  1.00 46.09 ? 6   T39 A "CD'" 1 
HETATM 125 C "CB'" . T39 A 1 6  ? -9.820  1.276   3.552  1.00 38.22 ? 6   T39 A "CB'" 1 
HETATM 126 O "OC'" . T39 A 1 6  ? -10.577 1.922   4.605  1.00 45.21 ? 6   T39 A "OC'" 1 
ATOM   127 P P     . DA  A 1 7  ? -7.059  -1.357  8.510  1.00 25.88 ? 7   DA  A P     1 
ATOM   128 O OP1   . DA  A 1 7  ? -8.021  -1.664  9.590  1.00 30.12 ? 7   DA  A OP1   1 
ATOM   129 O OP2   . DA  A 1 7  ? -5.611  -1.408  8.799  1.00 23.89 ? 7   DA  A OP2   1 
ATOM   130 O "O5'" . DA  A 1 7  ? -7.360  -2.413  7.361  1.00 23.96 ? 7   DA  A "O5'" 1 
ATOM   131 C "C5'" . DA  A 1 7  ? -8.720  -2.718  7.040  1.00 20.47 ? 7   DA  A "C5'" 1 
ATOM   132 C "C4'" . DA  A 1 7  ? -8.790  -3.629  5.847  1.00 17.53 ? 7   DA  A "C4'" 1 
ATOM   133 O "O4'" . DA  A 1 7  ? -8.236  -2.943  4.716  1.00 16.56 ? 7   DA  A "O4'" 1 
ATOM   134 C "C3'" . DA  A 1 7  ? -7.955  -4.889  5.980  1.00 17.55 ? 7   DA  A "C3'" 1 
ATOM   135 O "O3'" . DA  A 1 7  ? -8.680  -5.886  6.708  1.00 21.37 ? 7   DA  A "O3'" 1 
ATOM   136 C "C2'" . DA  A 1 7  ? -7.803  -5.264  4.526  1.00 16.68 ? 7   DA  A "C2'" 1 
ATOM   137 C "C1'" . DA  A 1 7  ? -7.580  -3.897  3.886  1.00 17.25 ? 7   DA  A "C1'" 1 
ATOM   138 N N9    . DA  A 1 7  ? -6.152  -3.586  3.856  1.00 16.44 ? 7   DA  A N9    1 
ATOM   139 C C8    . DA  A 1 7  ? -5.400  -2.879  4.764  1.00 14.55 ? 7   DA  A C8    1 
ATOM   140 N N7    . DA  A 1 7  ? -4.128  -2.819  4.454  1.00 16.21 ? 7   DA  A N7    1 
ATOM   141 C C5    . DA  A 1 7  ? -4.034  -3.527  3.255  1.00 13.53 ? 7   DA  A C5    1 
ATOM   142 C C6    . DA  A 1 7  ? -2.949  -3.834  2.392  1.00 11.85 ? 7   DA  A C6    1 
ATOM   143 N N6    . DA  A 1 7  ? -1.685  -3.449  2.611  1.00 10.51 ? 7   DA  A N6    1 
ATOM   144 N N1    . DA  A 1 7  ? -3.215  -4.558  1.287  1.00 13.24 ? 7   DA  A N1    1 
ATOM   145 C C2    . DA  A 1 7  ? -4.482  -4.942  1.052  1.00 13.24 ? 7   DA  A C2    1 
ATOM   146 N N3    . DA  A 1 7  ? -5.572  -4.723  1.771  1.00 14.94 ? 7   DA  A N3    1 
ATOM   147 C C4    . DA  A 1 7  ? -5.276  -4.001  2.877  1.00 14.84 ? 7   DA  A C4    1 
ATOM   148 P P     . DC  A 1 8  ? -7.909  -7.099  7.443  1.00 23.66 ? 8   DC  A P     1 
ATOM   149 O OP1   . DC  A 1 8  ? -8.949  -7.839  8.187  1.00 26.35 ? 8   DC  A OP1   1 
ATOM   150 O OP2   . DC  A 1 8  ? -6.717  -6.586  8.156  1.00 21.34 ? 8   DC  A OP2   1 
ATOM   151 O "O5'" . DC  A 1 8  ? -7.366  -8.041  6.277  1.00 22.59 ? 8   DC  A "O5'" 1 
ATOM   152 C "C5'" . DC  A 1 8  ? -8.256  -8.742  5.406  1.00 19.77 ? 8   DC  A "C5'" 1 
ATOM   153 C "C4'" . DC  A 1 8  ? -7.486  -9.314  4.242  1.00 17.23 ? 8   DC  A "C4'" 1 
ATOM   154 O "O4'" . DC  A 1 8  ? -6.824  -8.242  3.543  1.00 16.97 ? 8   DC  A "O4'" 1 
ATOM   155 C "C3'" . DC  A 1 8  ? -6.345  -10.246 4.601  1.00 17.10 ? 8   DC  A "C3'" 1 
ATOM   156 O "O3'" . DC  A 1 8  ? -6.823  -11.562 4.901  1.00 18.70 ? 8   DC  A "O3'" 1 
ATOM   157 C "C2'" . DC  A 1 8  ? -5.538  -10.205 3.318  1.00 13.49 ? 8   DC  A "C2'" 1 
ATOM   158 C "C1'" . DC  A 1 8  ? -5.633  -8.736  2.942  1.00 15.49 ? 8   DC  A "C1'" 1 
ATOM   159 N N1    . DC  A 1 8  ? -4.487  -7.965  3.458  1.00 15.44 ? 8   DC  A N1    1 
ATOM   160 C C2    . DC  A 1 8  ? -3.338  -7.970  2.718  1.00 13.19 ? 8   DC  A C2    1 
ATOM   161 O O2    . DC  A 1 8  ? -3.312  -8.597  1.663  1.00 13.37 ? 8   DC  A O2    1 
ATOM   162 N N3    . DC  A 1 8  ? -2.256  -7.294  3.151  1.00 13.07 ? 8   DC  A N3    1 
ATOM   163 C C4    . DC  A 1 8  ? -2.285  -6.644  4.308  1.00 11.88 ? 8   DC  A C4    1 
ATOM   164 N N4    . DC  A 1 8  ? -1.155  -6.039  4.711  1.00 11.20 ? 8   DC  A N4    1 
ATOM   165 C C5    . DC  A 1 8  ? -3.463  -6.595  5.097  1.00 14.79 ? 8   DC  A C5    1 
ATOM   166 C C6    . DC  A 1 8  ? -4.536  -7.272  4.643  1.00 14.35 ? 8   DC  A C6    1 
ATOM   167 P P     . DG  A 1 9  ? -5.939  -12.547 5.820  1.00 19.01 ? 9   DG  A P     1 
ATOM   168 O OP1   . DG  A 1 9  ? -6.771  -13.724 6.105  1.00 23.50 ? 9   DG  A OP1   1 
ATOM   169 O OP2   . DG  A 1 9  ? -5.355  -11.767 6.938  1.00 18.32 ? 9   DG  A OP2   1 
ATOM   170 O "O5'" . DG  A 1 9  ? -4.753  -13.029 4.881  1.00 16.17 ? 9   DG  A "O5'" 1 
ATOM   171 C "C5'" . DG  A 1 9  ? -5.001  -13.859 3.741  1.00 14.72 ? 9   DG  A "C5'" 1 
ATOM   172 C "C4'" . DG  A 1 9  ? -3.745  -13.981 2.920  1.00 16.11 ? 9   DG  A "C4'" 1 
ATOM   173 O "O4'" . DG  A 1 9  ? -3.307  -12.678 2.483  1.00 16.39 ? 9   DG  A "O4'" 1 
ATOM   174 C "C3'" . DG  A 1 9  ? -2.545  -14.531 3.663  1.00 16.01 ? 9   DG  A "C3'" 1 
ATOM   175 O "O3'" . DG  A 1 9  ? -2.604  -15.961 3.728  1.00 19.85 ? 9   DG  A "O3'" 1 
ATOM   176 C "C2'" . DG  A 1 9  ? -1.418  -14.054 2.771  1.00 12.36 ? 9   DG  A "C2'" 1 
ATOM   177 C "C1'" . DG  A 1 9  ? -1.890  -12.676 2.327  1.00 11.41 ? 9   DG  A "C1'" 1 
ATOM   178 N N9    . DG  A 1 9  ? -1.345  -11.619 3.172  1.00 13.40 ? 9   DG  A N9    1 
ATOM   179 C C8    . DG  A 1 9  ? -1.985  -10.916 4.165  1.00 12.92 ? 9   DG  A C8    1 
ATOM   180 N N7    . DG  A 1 9  ? -1.216  -10.044 4.755  1.00 13.45 ? 9   DG  A N7    1 
ATOM   181 C C5    . DG  A 1 9  ? 0.007   -10.180 4.112  1.00 13.52 ? 9   DG  A C5    1 
ATOM   182 C C6    . DG  A 1 9  ? 1.230   -9.495  4.325  1.00 12.87 ? 9   DG  A C6    1 
ATOM   183 O O6    . DG  A 1 9  ? 1.481   -8.612  5.152  1.00 14.14 ? 9   DG  A O6    1 
ATOM   184 N N1    . DG  A 1 9  ? 2.223   -9.938  3.451  1.00 12.36 ? 9   DG  A N1    1 
ATOM   185 C C2    . DG  A 1 9  ? 2.055   -10.927 2.501  1.00 11.58 ? 9   DG  A C2    1 
ATOM   186 N N2    . DG  A 1 9  ? 3.141   -11.239 1.750  1.00 10.72 ? 9   DG  A N2    1 
ATOM   187 N N3    . DG  A 1 9  ? 0.907   -11.570 2.300  1.00 13.03 ? 9   DG  A N3    1 
ATOM   188 C C4    . DG  A 1 9  ? -0.062  -11.146 3.133  1.00 12.80 ? 9   DG  A C4    1 
ATOM   189 P P     . DC  A 1 10 ? -1.782  -16.746 4.870  1.00 21.87 ? 10  DC  A P     1 
ATOM   190 O OP1   . DC  A 1 10 ? -1.939  -18.182 4.610  1.00 24.07 ? 10  DC  A OP1   1 
ATOM   191 O OP2   . DC  A 1 10 ? -2.157  -16.173 6.188  1.00 18.98 ? 10  DC  A OP2   1 
ATOM   192 O "O5'" . DC  A 1 10 ? -0.267  -16.389 4.563  1.00 21.79 ? 10  DC  A "O5'" 1 
ATOM   193 C "C5'" . DC  A 1 10 ? 0.409   -16.980 3.435  1.00 19.18 ? 10  DC  A "C5'" 1 
ATOM   194 C "C4'" . DC  A 1 10 ? 1.876   -16.615 3.443  1.00 17.09 ? 10  DC  A "C4'" 1 
ATOM   195 O "O4'" . DC  A 1 10 ? 2.040   -15.190 3.271  1.00 16.77 ? 10  DC  A "O4'" 1 
ATOM   196 C "C3'" . DC  A 1 10 ? 2.634   -16.916 4.724  1.00 15.18 ? 10  DC  A "C3'" 1 
ATOM   197 O "O3'" . DC  A 1 10 ? 2.974   -18.296 4.925  1.00 14.38 ? 10  DC  A "O3'" 1 
ATOM   198 C "C2'" . DC  A 1 10 ? 3.842   -16.016 4.557  1.00 15.73 ? 10  DC  A "C2'" 1 
ATOM   199 C "C1'" . DC  A 1 10 ? 3.260   -14.782 3.876  1.00 14.25 ? 10  DC  A "C1'" 1 
ATOM   200 N N1    . DC  A 1 10 ? 2.970   -13.696 4.831  1.00 16.46 ? 10  DC  A N1    1 
ATOM   201 C C2    . DC  A 1 10 ? 4.008   -12.837 5.174  1.00 15.12 ? 10  DC  A C2    1 
ATOM   202 O O2    . DC  A 1 10 ? 5.131   -13.010 4.672  1.00 19.61 ? 10  DC  A O2    1 
ATOM   203 N N3    . DC  A 1 10 ? 3.778   -11.840 6.044  1.00 15.69 ? 10  DC  A N3    1 
ATOM   204 C C4    . DC  A 1 10 ? 2.563   -11.684 6.590  1.00 18.03 ? 10  DC  A C4    1 
ATOM   205 N N4    . DC  A 1 10 ? 2.399   -10.687 7.474  1.00 18.23 ? 10  DC  A N4    1 
ATOM   206 C C5    . DC  A 1 10 ? 1.474   -12.547 6.258  1.00 16.98 ? 10  DC  A C5    1 
ATOM   207 C C6    . DC  A 1 10 ? 1.720   -13.530 5.380  1.00 14.93 ? 10  DC  A C6    1 
ATOM   208 O "O5'" . DG  B 1 1  ? 11.261  -4.069  8.776  1.00 44.80 ? 11  DG  B "O5'" 1 
ATOM   209 C "C5'" . DG  B 1 1  ? 10.821  -4.084  7.407  1.00 37.90 ? 11  DG  B "C5'" 1 
ATOM   210 C "C4'" . DG  B 1 1  ? 11.264  -5.342  6.694  1.00 34.14 ? 11  DG  B "C4'" 1 
ATOM   211 O "O4'" . DG  B 1 1  ? 10.953  -6.476  7.527  1.00 31.17 ? 11  DG  B "O4'" 1 
ATOM   212 C "C3'" . DG  B 1 1  ? 10.502  -5.589  5.399  1.00 34.18 ? 11  DG  B "C3'" 1 
ATOM   213 O "O3'" . DG  B 1 1  ? 11.127  -4.942  4.288  1.00 31.25 ? 11  DG  B "O3'" 1 
ATOM   214 C "C2'" . DG  B 1 1  ? 10.527  -7.100  5.293  1.00 32.86 ? 11  DG  B "C2'" 1 
ATOM   215 C "C1'" . DG  B 1 1  ? 10.325  -7.483  6.750  1.00 29.55 ? 11  DG  B "C1'" 1 
ATOM   216 N N9    . DG  B 1 1  ? 8.929   -7.556  7.170  1.00 25.87 ? 11  DG  B N9    1 
ATOM   217 C C8    . DG  B 1 1  ? 8.279   -6.731  8.049  1.00 23.21 ? 11  DG  B C8    1 
ATOM   218 N N7    . DG  B 1 1  ? 7.047   -7.092  8.269  1.00 21.80 ? 11  DG  B N7    1 
ATOM   219 C C5    . DG  B 1 1  ? 6.870   -8.221  7.476  1.00 22.35 ? 11  DG  B C5    1 
ATOM   220 C C6    . DG  B 1 1  ? 5.736   -9.060  7.298  1.00 18.15 ? 11  DG  B C6    1 
ATOM   221 O O6    . DG  B 1 1  ? 4.623   -8.989  7.822  1.00 20.51 ? 11  DG  B O6    1 
ATOM   222 N N1    . DG  B 1 1  ? 5.995   -10.082 6.401  1.00 20.18 ? 11  DG  B N1    1 
ATOM   223 C C2    . DG  B 1 1  ? 7.190   -10.288 5.754  1.00 19.67 ? 11  DG  B C2    1 
ATOM   224 N N2    . DG  B 1 1  ? 7.254   -11.348 4.941  1.00 18.11 ? 11  DG  B N2    1 
ATOM   225 N N3    . DG  B 1 1  ? 8.247   -9.509  5.902  1.00 21.94 ? 11  DG  B N3    1 
ATOM   226 C C4    . DG  B 1 1  ? 8.017   -8.505  6.779  1.00 23.11 ? 11  DG  B C4    1 
ATOM   227 P P     . DC  B 1 2  ? 10.233  -4.455  3.038  1.00 33.06 ? 12  DC  B P     1 
ATOM   228 O OP1   . DC  B 1 2  ? 11.167  -3.789  2.034  1.00 35.98 ? 12  DC  B OP1   1 
ATOM   229 O OP2   . DC  B 1 2  ? 9.011   -3.733  3.563  1.00 31.77 ? 12  DC  B OP2   1 
ATOM   230 O "O5'" . DC  B 1 2  ? 9.702   -5.794  2.370  1.00 29.81 ? 12  DC  B "O5'" 1 
ATOM   231 C "C5'" . DC  B 1 2  ? 10.610  -6.672  1.725  1.00 25.26 ? 12  DC  B "C5'" 1 
ATOM   232 C "C4'" . DC  B 1 2  ? 9.886   -7.907  1.270  1.00 21.66 ? 12  DC  B "C4'" 1 
ATOM   233 O "O4'" . DC  B 1 2  ? 9.284   -8.517  2.428  1.00 21.14 ? 12  DC  B "O4'" 1 
ATOM   234 C "C3'" . DC  B 1 2  ? 8.724   -7.619  0.342  1.00 22.24 ? 12  DC  B "C3'" 1 
ATOM   235 O "O3'" . DC  B 1 2  ? 9.171   -7.460  -1.005 1.00 23.95 ? 12  DC  B "O3'" 1 
ATOM   236 C "C2'" . DC  B 1 2  ? 7.895   -8.869  0.536  1.00 21.45 ? 12  DC  B "C2'" 1 
ATOM   237 C "C1'" . DC  B 1 2  ? 8.041   -9.099  2.044  1.00 18.79 ? 12  DC  B "C1'" 1 
ATOM   238 N N1    . DC  B 1 2  ? 6.963   -8.463  2.827  1.00 17.26 ? 12  DC  B N1    1 
ATOM   239 C C2    . DC  B 1 2  ? 5.704   -9.075  2.838  1.00 14.14 ? 12  DC  B C2    1 
ATOM   240 O O2    . DC  B 1 2  ? 5.508   -10.092 2.165  1.00 14.95 ? 12  DC  B O2    1 
ATOM   241 N N3    . DC  B 1 2  ? 4.716   -8.552  3.564  1.00 11.88 ? 12  DC  B N3    1 
ATOM   242 C C4    . DC  B 1 2  ? 4.917   -7.432  4.249  1.00 15.18 ? 12  DC  B C4    1 
ATOM   243 N N4    . DC  B 1 2  ? 3.887   -6.954  4.957  1.00 14.21 ? 12  DC  B N4    1 
ATOM   244 C C5    . DC  B 1 2  ? 6.182   -6.753  4.242  1.00 16.55 ? 12  DC  B C5    1 
ATOM   245 C C6    . DC  B 1 2  ? 7.171   -7.305  3.528  1.00 16.89 ? 12  DC  B C6    1 
ATOM   246 P P     . DG  B 1 3  ? 8.399   -6.454  -1.988 1.00 28.25 ? 13  DG  B P     1 
ATOM   247 O OP1   . DG  B 1 3  ? 9.133   -6.431  -3.279 1.00 31.17 ? 13  DG  B OP1   1 
ATOM   248 O OP2   . DG  B 1 3  ? 8.066   -5.188  -1.294 1.00 23.85 ? 13  DG  B OP2   1 
ATOM   249 O "O5'" . DG  B 1 3  ? 6.992   -7.136  -2.256 1.00 25.36 ? 13  DG  B "O5'" 1 
ATOM   250 C "C5'" . DG  B 1 3  ? 6.906   -8.330  -3.027 1.00 21.01 ? 13  DG  B "C5'" 1 
ATOM   251 C "C4'" . DG  B 1 3  ? 5.535   -8.930  -2.882 1.00 18.37 ? 13  DG  B "C4'" 1 
ATOM   252 O "O4'" . DG  B 1 3  ? 5.224   -9.158  -1.491 1.00 16.39 ? 13  DG  B "O4'" 1 
ATOM   253 C "C3'" . DG  B 1 3  ? 4.403   -8.039  -3.344 1.00 17.65 ? 13  DG  B "C3'" 1 
ATOM   254 O "O3'" . DG  B 1 3  ? 4.335   -8.060  -4.767 1.00 20.35 ? 13  DG  B "O3'" 1 
ATOM   255 C "C2'" . DG  B 1 3  ? 3.228   -8.761  -2.714 1.00 17.37 ? 13  DG  B "C2'" 1 
ATOM   256 C "C1'" . DG  B 1 3  ? 3.804   -9.191  -1.370 1.00 15.03 ? 13  DG  B "C1'" 1 
ATOM   257 N N9    . DG  B 1 3  ? 3.403   -8.262  -0.334 1.00 13.54 ? 13  DG  B N9    1 
ATOM   258 C C8    . DG  B 1 3  ? 4.140   -7.285  0.283  1.00 12.43 ? 13  DG  B C8    1 
ATOM   259 N N7    . DG  B 1 3  ? 3.455   -6.624  1.172  1.00 13.33 ? 13  DG  B N7    1 
ATOM   260 C C5    . DG  B 1 3  ? 2.192   -7.212  1.143  1.00 12.19 ? 13  DG  B C5    1 
ATOM   261 C C6    . DG  B 1 3  ? 1.029   -6.930  1.899  1.00 12.79 ? 13  DG  B C6    1 
ATOM   262 O O6    . DG  B 1 3  ? 0.879   -6.068  2.783  1.00 15.30 ? 13  DG  B O6    1 
ATOM   263 N N1    . DG  B 1 3  ? -0.033  -7.768  1.544  1.00 10.80 ? 13  DG  B N1    1 
ATOM   264 C C2    . DG  B 1 3  ? 0.024   -8.745  0.578  1.00 8.48  ? 13  DG  B C2    1 
ATOM   265 N N2    . DG  B 1 3  ? -1.084  -9.448  0.359  1.00 10.75 ? 13  DG  B N2    1 
ATOM   266 N N3    . DG  B 1 3  ? 1.111   -9.008  -0.125 1.00 12.79 ? 13  DG  B N3    1 
ATOM   267 C C4    . DG  B 1 3  ? 2.150   -8.213  0.212  1.00 13.78 ? 13  DG  B C4    1 
ATOM   268 P P     . DT  B 1 4  ? 3.524   -6.923  -5.546 1.00 18.95 ? 14  DT  B P     1 
ATOM   269 O OP1   . DT  B 1 4  ? 3.745   -7.117  -7.018 1.00 22.55 ? 14  DT  B OP1   1 
ATOM   270 O OP2   . DT  B 1 4  ? 3.830   -5.610  -4.917 1.00 22.07 ? 14  DT  B OP2   1 
ATOM   271 O "O5'" . DT  B 1 4  ? 1.993   -7.216  -5.228 1.00 17.26 ? 14  DT  B "O5'" 1 
ATOM   272 C "C5'" . DT  B 1 4  ? 1.314   -8.317  -5.828 1.00 15.89 ? 14  DT  B "C5'" 1 
ATOM   273 C "C4'" . DT  B 1 4  ? -0.104  -8.370  -5.330 1.00 14.11 ? 14  DT  B "C4'" 1 
ATOM   274 O "O4'" . DT  B 1 4  ? -0.081  -8.500  -3.901 1.00 15.81 ? 14  DT  B "O4'" 1 
ATOM   275 C "C3'" . DT  B 1 4  ? -0.868  -7.088  -5.529 1.00 14.78 ? 14  DT  B "C3'" 1 
ATOM   276 O "O3'" . DT  B 1 4  ? -1.360  -6.972  -6.853 1.00 17.46 ? 14  DT  B "O3'" 1 
ATOM   277 C "C2'" . DT  B 1 4  ? -1.985  -7.275  -4.535 1.00 13.41 ? 14  DT  B "C2'" 1 
ATOM   278 C "C1'" . DT  B 1 4  ? -1.242  -7.879  -3.361 1.00 11.93 ? 14  DT  B "C1'" 1 
ATOM   279 N N1    . DT  B 1 4  ? -0.819  -6.846  -2.406 1.00 12.73 ? 14  DT  B N1    1 
ATOM   280 C C2    . DT  B 1 4  ? -1.761  -6.417  -1.508 1.00 11.76 ? 14  DT  B C2    1 
ATOM   281 O O2    . DT  B 1 4  ? -2.892  -6.834  -1.498 1.00 12.87 ? 14  DT  B O2    1 
ATOM   282 N N3    . DT  B 1 4  ? -1.343  -5.467  -0.630 1.00 12.23 ? 14  DT  B N3    1 
ATOM   283 C C4    . DT  B 1 4  ? -0.108  -4.868  -0.592 1.00 14.94 ? 14  DT  B C4    1 
ATOM   284 O O4    . DT  B 1 4  ? 0.108   -4.001  0.245  1.00 19.14 ? 14  DT  B O4    1 
ATOM   285 C C5    . DT  B 1 4  ? 0.840   -5.340  -1.587 1.00 14.58 ? 14  DT  B C5    1 
ATOM   286 C C7    . DT  B 1 4  ? 2.205   -4.701  -1.657 1.00 11.20 ? 14  DT  B C7    1 
ATOM   287 C C6    . DT  B 1 4  ? 0.452   -6.313  -2.423 1.00 12.37 ? 14  DT  B C6    1 
ATOM   288 P P     . DA  B 1 5  ? -1.690  -5.515  -7.438 1.00 20.22 ? 15  DA  B P     1 
ATOM   289 O OP1   . DA  B 1 5  ? -2.058  -5.685  -8.863 1.00 22.43 ? 15  DA  B OP1   1 
ATOM   290 O OP2   . DA  B 1 5  ? -0.575  -4.599  -7.070 1.00 21.27 ? 15  DA  B OP2   1 
ATOM   291 O "O5'" . DA  B 1 5  ? -2.980  -5.037  -6.656 1.00 17.06 ? 15  DA  B "O5'" 1 
ATOM   292 C "C5'" . DA  B 1 5  ? -4.221  -5.702  -6.832 1.00 18.27 ? 15  DA  B "C5'" 1 
ATOM   293 C "C4'" . DA  B 1 5  ? -5.235  -5.185  -5.848 1.00 17.26 ? 15  DA  B "C4'" 1 
ATOM   294 O "O4'" . DA  B 1 5  ? -4.790  -5.417  -4.498 1.00 17.54 ? 15  DA  B "O4'" 1 
ATOM   295 C "C3'" . DA  B 1 5  ? -5.491  -3.703  -5.896 1.00 19.91 ? 15  DA  B "C3'" 1 
ATOM   296 O "O3'" . DA  B 1 5  ? -6.400  -3.435  -6.955 1.00 20.98 ? 15  DA  B "O3'" 1 
ATOM   297 C "C2'" . DA  B 1 5  ? -6.115  -3.475  -4.530 1.00 16.60 ? 15  DA  B "C2'" 1 
ATOM   298 C "C1'" . DA  B 1 5  ? -5.284  -4.392  -3.642 1.00 15.41 ? 15  DA  B "C1'" 1 
ATOM   299 N N9    . DA  B 1 5  ? -4.131  -3.722  -3.044 1.00 12.11 ? 15  DA  B N9    1 
ATOM   300 C C8    . DA  B 1 5  ? -2.822  -3.749  -3.454 1.00 10.54 ? 15  DA  B C8    1 
ATOM   301 N N7    . DA  B 1 5  ? -2.019  -3.038  -2.713 1.00 11.87 ? 15  DA  B N7    1 
ATOM   302 C C5    . DA  B 1 5  ? -2.853  -2.511  -1.742 1.00 12.06 ? 15  DA  B C5    1 
ATOM   303 C C6    . DA  B 1 5  ? -2.608  -1.685  -0.652 1.00 12.43 ? 15  DA  B C6    1 
ATOM   304 N N6    . DA  B 1 5  ? -1.408  -1.226  -0.323 1.00 12.22 ? 15  DA  B N6    1 
ATOM   305 N N1    . DA  B 1 5  ? -3.659  -1.338  0.106  1.00 14.40 ? 15  DA  B N1    1 
ATOM   306 C C2    . DA  B 1 5  ? -4.870  -1.804  -0.213 1.00 12.19 ? 15  DA  B C2    1 
ATOM   307 N N3    . DA  B 1 5  ? -5.225  -2.589  -1.202 1.00 13.60 ? 15  DA  B N3    1 
ATOM   308 C C4    . DA  B 1 5  ? -4.153  -2.919  -1.940 1.00 12.24 ? 15  DA  B C4    1 
HETATM 309 P P     . T39 B 1 6  ? -6.510  -1.956  -7.544 1.00 21.83 ? 16  T39 B P     1 
HETATM 310 O OP1   . T39 B 1 6  ? -7.447  -2.059  -8.685 1.00 25.51 ? 16  T39 B OP1   1 
HETATM 311 O OP2   . T39 B 1 6  ? -5.126  -1.442  -7.751 1.00 20.98 ? 16  T39 B OP2   1 
HETATM 312 O "O5'" . T39 B 1 6  ? -7.230  -1.111  -6.407 1.00 19.26 ? 16  T39 B "O5'" 1 
HETATM 313 C "C5'" . T39 B 1 6  ? -8.630  -1.259  -6.166 1.00 16.04 ? 16  T39 B "C5'" 1 
HETATM 314 C "C4'" . T39 B 1 6  ? -9.034  -0.360  -5.050 1.00 17.42 ? 16  T39 B "C4'" 1 
HETATM 315 O "O4'" . T39 B 1 6  ? -8.295  -0.760  -3.881 1.00 19.00 ? 16  T39 B "O4'" 1 
HETATM 316 C "C3'" . T39 B 1 6  ? -8.600  1.087   -5.221 1.00 20.68 ? 16  T39 B "C3'" 1 
HETATM 317 O "O3'" . T39 B 1 6  ? -9.460  1.834   -6.061 1.00 22.89 ? 16  T39 B "O3'" 1 
HETATM 318 C "C2'" . T39 B 1 6  ? -8.657  1.578   -3.799 1.00 19.44 ? 16  T39 B "C2'" 1 
HETATM 319 O "O2'" . T39 B 1 6  ? -9.990  1.779   -3.391 1.00 21.89 ? 16  T39 B "O2'" 1 
HETATM 320 C "C1'" . T39 B 1 6  ? -8.045  0.378   -3.081 1.00 18.25 ? 16  T39 B "C1'" 1 
HETATM 321 N N1    . T39 B 1 6  ? -6.603  0.570   -2.929 1.00 18.08 ? 16  T39 B N1    1 
HETATM 322 C C2    . T39 B 1 6  ? -6.198  1.228   -1.793 1.00 17.88 ? 16  T39 B C2    1 
HETATM 323 O O2    . T39 B 1 6  ? -6.980  1.639   -0.937 1.00 19.75 ? 16  T39 B O2    1 
HETATM 324 N N3    . T39 B 1 6  ? -4.843  1.396   -1.684 1.00 16.85 ? 16  T39 B N3    1 
HETATM 325 C C4    . T39 B 1 6  ? -3.881  0.969   -2.566 1.00 14.24 ? 16  T39 B C4    1 
HETATM 326 O O4    . T39 B 1 6  ? -2.708  1.154   -2.306 1.00 18.70 ? 16  T39 B O4    1 
HETATM 327 C C5    . T39 B 1 6  ? -4.374  0.299   -3.737 1.00 14.77 ? 16  T39 B C5    1 
HETATM 328 C C7    . T39 B 1 6  ? -3.386  -0.192  -4.751 1.00 14.48 ? 16  T39 B C7    1 
HETATM 329 C C6    . T39 B 1 6  ? -5.693  0.131   -3.871 1.00 15.74 ? 16  T39 B C6    1 
HETATM 330 C "CA'" . T39 B 1 6  ? -10.121 2.268   -2.068 1.00 28.74 ? 16  T39 B "CA'" 1 
HETATM 331 C "CD'" . T39 B 1 6  ? -12.452 4.317   -2.650 1.00 41.32 ? 16  T39 B "CD'" 1 
HETATM 332 C "CB'" . T39 B 1 6  ? -11.536 2.280   -1.757 1.00 34.23 ? 16  T39 B "CB'" 1 
HETATM 333 O "OC'" . T39 B 1 6  ? -12.313 2.900   -2.792 1.00 40.74 ? 16  T39 B "OC'" 1 
ATOM   334 P P     . DA  B 1 7  ? -8.852  3.020   -6.958 1.00 24.71 ? 17  DA  B P     1 
ATOM   335 O OP1   . DA  B 1 7  ? -9.884  3.400   -7.928 1.00 26.89 ? 17  DA  B OP1   1 
ATOM   336 O OP2   . DA  B 1 7  ? -7.520  2.645   -7.465 1.00 25.10 ? 17  DA  B OP2   1 
ATOM   337 O "O5'" . DA  B 1 7  ? -8.696  4.219   -5.908 1.00 23.48 ? 17  DA  B "O5'" 1 
ATOM   338 C "C5'" . DA  B 1 7  ? -9.856  4.845   -5.335 1.00 23.34 ? 17  DA  B "C5'" 1 
ATOM   339 C "C4'" . DA  B 1 7  ? -9.462  5.810   -4.241 1.00 25.68 ? 17  DA  B "C4'" 1 
ATOM   340 O "O4'" . DA  B 1 7  ? -8.846  5.089   -3.147 1.00 24.68 ? 17  DA  B "O4'" 1 
ATOM   341 C "C3'" . DA  B 1 7  ? -8.455  6.910   -4.588 1.00 25.28 ? 17  DA  B "C3'" 1 
ATOM   342 O "O3'" . DA  B 1 7  ? -9.084  8.023   -5.235 1.00 27.59 ? 17  DA  B "O3'" 1 
ATOM   343 C "C2'" . DA  B 1 7  ? -8.012  7.326   -3.204 1.00 23.75 ? 17  DA  B "C2'" 1 
ATOM   344 C "C1'" . DA  B 1 7  ? -7.915  5.969   -2.508 1.00 23.07 ? 17  DA  B "C1'" 1 
ATOM   345 N N9    . DA  B 1 7  ? -6.579  5.413   -2.677 1.00 20.09 ? 17  DA  B N9    1 
ATOM   346 C C8    . DA  B 1 7  ? -6.139  4.523   -3.625 1.00 16.79 ? 17  DA  B C8    1 
ATOM   347 N N7    . DA  B 1 7  ? -4.872  4.219   -3.513 1.00 15.37 ? 17  DA  B N7    1 
ATOM   348 C C5    . DA  B 1 7  ? -4.448  4.956   -2.407 1.00 15.05 ? 17  DA  B C5    1 
ATOM   349 C C6    . DA  B 1 7  ? -3.204  5.064   -1.758 1.00 13.89 ? 17  DA  B C6    1 
ATOM   350 N N6    . DA  B 1 7  ? -2.107  4.400   -2.147 1.00 10.77 ? 17  DA  B N6    1 
ATOM   351 N N1    . DA  B 1 7  ? -3.126  5.891   -0.684 1.00 16.04 ? 17  DA  B N1    1 
ATOM   352 C C2    . DA  B 1 7  ? -4.216  6.566   -0.302 1.00 14.51 ? 17  DA  B C2    1 
ATOM   353 N N3    . DA  B 1 7  ? -5.435  6.548   -0.832 1.00 17.80 ? 17  DA  B N3    1 
ATOM   354 C C4    . DA  B 1 7  ? -5.486  5.705   -1.889 1.00 18.12 ? 17  DA  B C4    1 
ATOM   355 P P     . DC  B 1 8  ? -8.339  8.770   -6.446 1.00 27.64 ? 18  DC  B P     1 
ATOM   356 O OP1   . DC  B 1 8  ? -9.306  9.670   -7.069 1.00 29.05 ? 18  DC  B OP1   1 
ATOM   357 O OP2   . DC  B 1 8  ? -7.630  7.776   -7.275 1.00 27.51 ? 18  DC  B OP2   1 
ATOM   358 O "O5'" . DC  B 1 8  ? -7.210  9.648   -5.755 1.00 26.38 ? 18  DC  B "O5'" 1 
ATOM   359 C "C5'" . DC  B 1 8  ? -7.509  10.608  -4.748 1.00 24.50 ? 18  DC  B "C5'" 1 
ATOM   360 C "C4'" . DC  B 1 8  ? -6.257  10.894  -3.957 1.00 24.04 ? 18  DC  B "C4'" 1 
ATOM   361 O "O4'" . DC  B 1 8  ? -5.749  9.645   -3.433 1.00 21.47 ? 18  DC  B "O4'" 1 
ATOM   362 C "C3'" . DC  B 1 8  ? -5.070  11.429  -4.749 1.00 24.38 ? 18  DC  B "C3'" 1 
ATOM   363 O "O3'" . DC  B 1 8  ? -5.148  12.837  -4.993 1.00 27.04 ? 18  DC  B "O3'" 1 
ATOM   364 C "C2'" . DC  B 1 8  ? -3.933  11.147  -3.792 1.00 21.12 ? 18  DC  B "C2'" 1 
ATOM   365 C "C1'" . DC  B 1 8  ? -4.366  9.836   -3.146 1.00 20.04 ? 18  DC  B "C1'" 1 
ATOM   366 N N1    . DC  B 1 8  ? -3.593  8.707   -3.665 1.00 18.89 ? 18  DC  B N1    1 
ATOM   367 C C2    . DC  B 1 8  ? -2.370  8.455   -3.083 1.00 16.63 ? 18  DC  B C2    1 
ATOM   368 O O2    . DC  B 1 8  ? -1.996  9.164   -2.125 1.00 16.24 ? 18  DC  B O2    1 
ATOM   369 N N3    . DC  B 1 8  ? -1.605  7.460   -3.551 1.00 16.52 ? 18  DC  B N3    1 
ATOM   370 C C4    . DC  B 1 8  ? -2.029  6.714   -4.574 1.00 16.29 ? 18  DC  B C4    1 
ATOM   371 N N4    . DC  B 1 8  ? -1.204  5.748   -5.033 1.00 14.75 ? 18  DC  B N4    1 
ATOM   372 C C5    . DC  B 1 8  ? -3.295  6.931   -5.174 1.00 15.51 ? 18  DC  B C5    1 
ATOM   373 C C6    . DC  B 1 8  ? -4.042  7.929   -4.695 1.00 16.34 ? 18  DC  B C6    1 
ATOM   374 P P     . DG  B 1 9  ? -4.210  13.501  -6.126 1.00 26.97 ? 19  DG  B P     1 
ATOM   375 O OP1   . DG  B 1 9  ? -4.721  14.878  -6.317 1.00 28.15 ? 19  DG  B OP1   1 
ATOM   376 O OP2   . DG  B 1 9  ? -4.076  12.568  -7.281 1.00 25.94 ? 19  DG  B OP2   1 
ATOM   377 O "O5'" . DG  B 1 9  ? -2.753  13.608  -5.480 1.00 25.17 ? 19  DG  B "O5'" 1 
ATOM   378 C "C5'" . DG  B 1 9  ? -2.503  14.480  -4.381 1.00 19.92 ? 19  DG  B "C5'" 1 
ATOM   379 C "C4'" . DG  B 1 9  ? -1.168  14.170  -3.745 1.00 17.37 ? 19  DG  B "C4'" 1 
ATOM   380 O "O4'" . DG  B 1 9  ? -1.106  12.771  -3.448 1.00 16.57 ? 19  DG  B "O4'" 1 
ATOM   381 C "C3'" . DG  B 1 9  ? 0.085   14.418  -4.565 1.00 17.80 ? 19  DG  B "C3'" 1 
ATOM   382 O "O3'" . DG  B 1 9  ? 0.459   15.795  -4.509 1.00 18.00 ? 19  DG  B "O3'" 1 
ATOM   383 C "C2'" . DG  B 1 9  ? 1.093   13.572  -3.824 1.00 13.17 ? 19  DG  B "C2'" 1 
ATOM   384 C "C1'" . DG  B 1 9  ? 0.254   12.376  -3.427 1.00 13.96 ? 19  DG  B "C1'" 1 
ATOM   385 N N9    . DG  B 1 9  ? 0.413   11.243  -4.320 1.00 13.00 ? 19  DG  B N9    1 
ATOM   386 C C8    . DG  B 1 9  ? -0.505  10.718  -5.189 1.00 12.14 ? 19  DG  B C8    1 
ATOM   387 N N7    . DG  B 1 9  ? -0.067  9.650   -5.796 1.00 13.20 ? 19  DG  B N7    1 
ATOM   388 C C5    . DG  B 1 9  ? 1.229   9.469   -5.306 1.00 12.49 ? 19  DG  B C5    1 
ATOM   389 C C6    . DG  B 1 9  ? 2.216   8.468   -5.587 1.00 10.31 ? 19  DG  B C6    1 
ATOM   390 O O6    . DG  B 1 9  ? 2.136   7.496   -6.318 1.00 13.91 ? 19  DG  B O6    1 
ATOM   391 N N1    . DG  B 1 9  ? 3.394   8.694   -4.901 1.00 11.09 ? 19  DG  B N1    1 
ATOM   392 C C2    . DG  B 1 9  ? 3.609   9.737   -4.041 1.00 12.15 ? 19  DG  B C2    1 
ATOM   393 N N2    . DG  B 1 9  ? 4.819   9.800   -3.476 1.00 14.30 ? 19  DG  B N2    1 
ATOM   394 N N3    . DG  B 1 9  ? 2.706   10.655  -3.754 1.00 11.53 ? 19  DG  B N3    1 
ATOM   395 C C4    . DG  B 1 9  ? 1.545   10.463  -4.417 1.00 11.40 ? 19  DG  B C4    1 
ATOM   396 P P     . DC  B 1 10 ? 1.444   16.382  -5.621 1.00 17.92 ? 20  DC  B P     1 
ATOM   397 O OP1   . DC  B 1 10 ? 1.501   17.838  -5.410 1.00 22.84 ? 20  DC  B OP1   1 
ATOM   398 O OP2   . DC  B 1 10 ? 1.073   15.845  -6.942 1.00 17.68 ? 20  DC  B OP2   1 
ATOM   399 O "O5'" . DC  B 1 10 ? 2.860   15.755  -5.251 1.00 19.33 ? 20  DC  B "O5'" 1 
ATOM   400 C "C5'" . DC  B 1 10 ? 3.684   16.285  -4.198 1.00 16.88 ? 20  DC  B "C5'" 1 
ATOM   401 C "C4'" . DC  B 1 10 ? 5.015   15.580  -4.209 1.00 14.62 ? 20  DC  B "C4'" 1 
ATOM   402 O "O4'" . DC  B 1 10 ? 4.700   14.176  -4.170 1.00 15.33 ? 20  DC  B "O4'" 1 
ATOM   403 C "C3'" . DC  B 1 10 ? 5.797   15.747  -5.509 1.00 14.77 ? 20  DC  B "C3'" 1 
ATOM   404 O "O3'" . DC  B 1 10 ? 6.670   16.848  -5.598 1.00 20.17 ? 20  DC  B "O3'" 1 
ATOM   405 C "C2'" . DC  B 1 10 ? 6.619   14.486  -5.558 1.00 14.19 ? 20  DC  B "C2'" 1 
ATOM   406 C "C1'" . DC  B 1 10 ? 5.664   13.464  -4.943 1.00 13.80 ? 20  DC  B "C1'" 1 
ATOM   407 N N1    . DC  B 1 10 ? 4.972   12.608  -5.923 1.00 14.46 ? 20  DC  B N1    1 
ATOM   408 C C2    . DC  B 1 10 ? 5.645   11.460  -6.354 1.00 12.98 ? 20  DC  B C2    1 
ATOM   409 O O2    . DC  B 1 10 ? 6.793   11.243  -5.943 1.00 14.83 ? 20  DC  B O2    1 
ATOM   410 N N3    . DC  B 1 10 ? 5.051   10.621  -7.212 1.00 12.03 ? 20  DC  B N3    1 
ATOM   411 C C4    . DC  B 1 10 ? 3.820   10.874  -7.651 1.00 14.38 ? 20  DC  B C4    1 
ATOM   412 N N4    . DC  B 1 10 ? 3.274   9.980   -8.489 1.00 16.24 ? 20  DC  B N4    1 
ATOM   413 C C5    . DC  B 1 10 ? 3.097   12.053  -7.247 1.00 11.14 ? 20  DC  B C5    1 
ATOM   414 C C6    . DC  B 1 10 ? 3.715   12.889  -6.392 1.00 10.74 ? 20  DC  B C6    1 
HETATM 415 O O     . HOH C 2 .  ? 0.583   -19.638 5.627  1.00 20.62 ? 101 HOH A O     1 
HETATM 416 O O     . HOH C 2 .  ? 8.740   9.841   -2.776 1.00 24.05 ? 105 HOH A O     1 
HETATM 417 O O     . HOH C 2 .  ? 1.284   1.769   2.249  1.00 29.02 ? 106 HOH A O     1 
HETATM 418 O O     . HOH C 2 .  ? 1.724   -13.717 0.426  1.00 30.43 ? 107 HOH A O     1 
HETATM 419 O O     . HOH C 2 .  ? 1.634   2.618   -1.633 1.00 34.54 ? 108 HOH A O     1 
HETATM 420 O O     . HOH C 2 .  ? -2.078  -2.255  6.263  1.00 34.05 ? 109 HOH A O     1 
HETATM 421 O O     . HOH C 2 .  ? -6.784  5.658   3.369  1.00 33.46 ? 110 HOH A O     1 
HETATM 422 O O     . HOH C 2 .  ? -8.626  -0.450  0.918  1.00 35.26 ? 111 HOH A O     1 
HETATM 423 O O     . HOH C 2 .  ? 2.491   4.915   4.999  1.00 33.23 ? 112 HOH A O     1 
HETATM 424 O O     . HOH C 2 .  ? -7.332  2.583   11.745 1.00 40.30 ? 113 HOH A O     1 
HETATM 425 O O     . HOH C 2 .  ? -2.001  -9.199  7.263  1.00 35.60 ? 115 HOH A O     1 
HETATM 426 O O     . HOH C 2 .  ? -3.716  -18.506 2.463  1.00 41.45 ? 118 HOH A O     1 
HETATM 427 O O     . HOH C 2 .  ? -6.113  -16.611 6.244  1.00 35.32 ? 119 HOH A O     1 
HETATM 428 O O     . HOH C 2 .  ? 4.299   2.551   -3.587 1.00 37.53 ? 121 HOH A O     1 
HETATM 429 O O     . HOH C 2 .  ? -2.673  -0.437  8.231  1.00 41.08 ? 122 HOH A O     1 
HETATM 430 O O     . HOH C 2 .  ? -1.758  -5.196  7.732  1.00 41.26 ? 124 HOH A O     1 
HETATM 431 O O     . HOH C 2 .  ? 3.142   11.083  8.908  1.00 41.28 ? 127 HOH A O     1 
HETATM 432 O O     . HOH C 2 .  ? 0.443   2.765   8.521  1.00 47.32 ? 128 HOH A O     1 
HETATM 433 O O     . HOH C 2 .  ? 5.409   2.448   0.578  1.00 43.35 ? 130 HOH A O     1 
HETATM 434 O O     . HOH C 2 .  ? -4.264  -8.631  8.276  1.00 49.37 ? 134 HOH A O     1 
HETATM 435 O O     . HOH C 2 .  ? -9.215  -7.079  10.971 1.00 48.48 ? 135 HOH A O     1 
HETATM 436 O O     . HOH C 2 .  ? -8.446  -3.814  11.588 1.00 50.00 ? 136 HOH A O     1 
HETATM 437 O O     . HOH C 2 .  ? 1.183   -0.885  3.262  1.00 40.45 ? 138 HOH A O     1 
HETATM 438 O O     . HOH C 2 .  ? -6.166  -17.755 3.755  1.00 35.76 ? 139 HOH A O     1 
HETATM 439 O O     . HOH C 2 .  ? 3.583   1.712   -6.456 1.00 50.00 ? 140 HOH A O     1 
HETATM 440 O O     . HOH C 2 .  ? 1.999   4.789   9.607  1.00 47.90 ? 141 HOH A O     1 
HETATM 441 O O     . HOH C 2 .  ? 4.121   1.157   2.503  1.00 45.32 ? 142 HOH A O     1 
HETATM 442 O O     . HOH C 2 .  ? -3.035  2.351   13.168 1.00 44.89 ? 144 HOH A O     1 
HETATM 443 O O     . HOH C 2 .  ? 1.569   3.142   -5.158 1.00 50.00 ? 145 HOH A O     1 
HETATM 444 O O     . HOH C 2 .  ? -2.568  -13.606 7.685  1.00 41.96 ? 147 HOH A O     1 
HETATM 445 O O     . HOH C 2 .  ? 2.227   -20.293 2.825  1.00 43.62 ? 149 HOH A O     1 
HETATM 446 O O     . HOH C 2 .  ? -10.311 1.152   7.787  1.00 50.00 ? 150 HOH A O     1 
HETATM 447 O O     . HOH C 2 .  ? -4.554  -4.528  8.408  1.00 42.05 ? 151 HOH A O     1 
HETATM 448 O O     . HOH C 2 .  ? 6.579   9.784   7.395  1.00 50.00 ? 152 HOH A O     1 
HETATM 449 O O     . HOH C 2 .  ? 11.853  0.495   -1.873 1.00 50.00 ? 154 HOH A O     1 
HETATM 450 O O     . HOH C 2 .  ? 11.437  7.799   -5.871 1.00 43.83 ? 155 HOH A O     1 
HETATM 451 O O     . HOH C 2 .  ? 0.500   -7.351  7.409  1.00 33.99 ? 156 HOH A O     1 
HETATM 452 O O     . HOH D 2 .  ? 9.086   12.066  -4.524 1.00 25.92 ? 102 HOH B O     1 
HETATM 453 O O     . HOH D 2 .  ? 1.072   -11.461 -1.413 1.00 28.15 ? 103 HOH B O     1 
HETATM 454 O O     . HOH D 2 .  ? -3.440  3.235   -5.733 1.00 24.06 ? 104 HOH B O     1 
HETATM 455 O O     . HOH D 2 .  ? 1.852   -2.298  1.126  1.00 37.54 ? 114 HOH B O     1 
HETATM 456 O O     . HOH D 2 .  ? -1.421  8.806   -8.068 1.00 40.61 ? 116 HOH B O     1 
HETATM 457 O O     . HOH D 2 .  ? -7.625  6.614   0.674  1.00 38.40 ? 117 HOH B O     1 
HETATM 458 O O     . HOH D 2 .  ? -9.508  -3.636  -9.527 1.00 37.59 ? 120 HOH B O     1 
HETATM 459 O O     . HOH D 2 .  ? 7.594   17.761  -3.087 1.00 38.56 ? 123 HOH B O     1 
HETATM 460 O O     . HOH D 2 .  ? -5.045  1.275   -7.556 1.00 40.65 ? 125 HOH B O     1 
HETATM 461 O O     . HOH D 2 .  ? 1.715   -3.667  -5.373 1.00 45.35 ? 126 HOH B O     1 
HETATM 462 O O     . HOH D 2 .  ? 0.346   -1.764  -3.396 1.00 48.54 ? 129 HOH B O     1 
HETATM 463 O O     . HOH D 2 .  ? -4.729  9.030   -8.194 1.00 39.70 ? 131 HOH B O     1 
HETATM 464 O O     . HOH D 2 .  ? 5.215   19.432  -4.741 1.00 40.31 ? 132 HOH B O     1 
HETATM 465 O O     . HOH D 2 .  ? 4.483   -4.060  2.211  1.00 48.65 ? 133 HOH B O     1 
HETATM 466 O O     . HOH D 2 .  ? -0.340  1.442   -3.447 1.00 35.47 ? 137 HOH B O     1 
HETATM 467 O O     . HOH D 2 .  ? 0.660   10.772  -9.575 1.00 20.00 ? 143 HOH B O     1 
HETATM 468 O O     . HOH D 2 .  ? 4.250   -1.850  -0.247 1.00 45.47 ? 146 HOH B O     1 
HETATM 469 O O     . HOH D 2 .  ? 1.651   -4.016  4.599  1.00 46.18 ? 148 HOH B O     1 
HETATM 470 O O     . HOH D 2 .  ? -7.521  10.389  -9.932 1.00 46.69 ? 153 HOH B O     1 
HETATM 471 O O     . HOH D 2 .  ? -10.630 7.072   -0.200 1.00 33.24 ? 157 HOH B O     1 
HETATM 472 O O     . HOH D 2 .  ? -12.288 1.593   -5.568 1.00 31.99 ? 158 HOH B O     1 
# 
